data_9QEE
#
_entry.id   9QEE
#
_cell.length_a   1.00
_cell.length_b   1.00
_cell.length_c   1.00
_cell.angle_alpha   90.00
_cell.angle_beta   90.00
_cell.angle_gamma   90.00
#
_symmetry.space_group_name_H-M   'P 1'
#
loop_
_entity.id
_entity.type
_entity.pdbx_description
1 polymer 'DNA excision repair protein ERCC-1'
2 polymer 'Protein SLX4IP'
3 polymer 'DNA strand 1'
4 polymer 'DNA strand 2'
5 polymer 'Structure-specific endonuclease subunit SLX4'
6 polymer 'DNA repair endonuclease XPF'
7 non-polymer 'MANGANESE (II) ION'
#
loop_
_entity_poly.entity_id
_entity_poly.type
_entity_poly.pdbx_seq_one_letter_code
_entity_poly.pdbx_strand_id
1 'polypeptide(L)'
;MDPGKDKEGVPQPSGPPARKKFVIPLDEDEVPPGVAKPLFRSTQSLPTVDTSAQAAPQTYAEYAISQPLEGAGATCPTGS
EPLAGETPNQALKPGAKSNSIIVSPRQRGNPVLKFVRNVPWEFGDVIPDYVLGQSTCALFLSLRYHNLHPDYIHGRLQSL
GKNFALRVLLVQVDVKDPQQALKELAKMCILADCTLILAWSPEEAGRYLETYKAYEQKPADLLMEKLEQDFVSRVTECLT
TVKSVNKTDSQTLLTTFGSLEQLIAASREDLALCPGLGPQKARRLFDVLHEPFLKVP
;
B
2 'polypeptide(L)'
;MASKKFAVKCGNFAVLVDLHILPQGSNKDTSWFSEQKKEEVCLLLKETIDSRVQEYLEVRKQHRPSNAEFTRSNPLSLKG
YGFQITAYFLKRGIRLRCIRSTQNAELCVFPDRFVVCVSQLAFSRDLLASQNEDLTERVLHGVSDYFAECAESSLPPSAK
LRRNALKEIVKRTETKSSVTSKSQTRRDTVETSSDSVIAEIARRRNDGQASSSPPSESMGQAKDSIKAAESHWGLPVQKL
EKVNQTQPEDTSGQQKPHPGERLKTGLLSRSPVCSCESASPCPKQSPRVAKTQQKRRNCSSAEDFDHHGRVSLGSDRLVP
REIIVEKSKAVRVLPASELSDPGLLLKQDLAKTTSKEELHVLESLSSRHLMKNNPGQAQQTGLATNTERLSTIQNSPTKK
RKKYERGH
;
C
3 'polydeoxyribonucleotide'
;(DT)(DA)(DC)(DA)(DG)(DG)(DT)(DG)(DC)(DG)(DA)(DC)(DG)(DT)(DA)(DG)(DA)(DT)(DG)(DT)
(DG)(DG)(DC)(DT)(DA)(DT)(DC)(DT)(DC)(DG)(DC)(DT)(DA)(DG)(DA)(DT)(DA)(DC)(DA)(DT)
(DA)(DA)(DC)(DC)(DG)(DA)(DC)(DT)(DA)(DT)
;
U
4 'polydeoxyribonucleotide'
;(DA)(DT)(DA)(DG)(DT)(DC)(DG)(DG)(DT)(DT)(DA)(DT)(DG)(DT)(DA)(DT)(DC)(DT)(DA)(DG)
(DC)(DG)(DA)(DG)(DA)(DT)(DA)(DA)(DA)(DG)(DT)(DG)(DT)(DA)(DG)(DA)(DT)(DG)(DC)(DA)
(DG)(DC)(DG)(DT)(DG)(DG)(DA)(DC)(DA)(DT)
;
V
5 'polypeptide(L)'
;MASWSHPQFEKGGGSGGGSGGGSWSHPQFEKSGGGSENLYFQSNAVPQIPECPICGKPFLTLKSRTSHLKQCAVKMEVGP
QLLLQAVRLQTAQPEGSSSPPMFSFSDHSRGLKRRGPTSKKEPRKRRKVDEAPSEDLLVAMALSRSEMEPGAAVPALRLE
SAFSERIRPEAENKSRKKKPPVSPPLLLVQDSETTGRQIEDRVALLLSEEVELSSTPPLPASRILKEGWERAGQCPPPPE
RKQSFLWEGSALTGAWAMEDFYTARLVPPLV
;
D
6 'polypeptide(L)'
;MGSSHHHHHHENLYFQSNAMESGQPARRIAMAPLLEYERQLVLELLDTDGLVVCARGLGADRLLYHFLQLHCHPACLVLV
LNTQPAEEEYFINQLKIEGVEHLPRRVTNEITSNSRYEVYTQGGVIFATSRILVVDFLTDRIPSDLITGILVYRAHRIIE
SCQEAFILRLFRQKNKRGFIKAFTDNAVAFDTGFCHVERVMRNLFVRKLYLWPRFHVAVNSFLEQHKPEVVEIHVSMTPT
MLAIQTAILDILNACLKELKCHNPSLEVEDLSLENAIGKPFDKTIRHYLDPLWHQLGAKTKSLVQDLKILRTLLQYLSQY
DCVTFLNLLESLRATEKAFGQNSGWLFLDSSTSMFINARARVYHLPDAKMSKKEKISEKMEIKEGEETKKELVLESNPKW
EALTEVLKEIEAENKESEALGGPGQVLICASDDRTCSQLRDYITLGAEAFLLRLYRKTFEKDSKAEEVWMKFRKEDSSKR
IRKSHKRPKDPQNKERASTKERTLKKKKRKLTLTQMVGKPEELEEEGDVEEGYRREISSSPESCPEEIKHEEFDVNLSSD
AAFGILKEPLTIIHPLLGCSDPYALTRVLHEVEPRYVVLYDAELTFVRQLEIYRASRPGKPLRVYFLIYGGSTEEQRYLT
ALRKEKEAFEKLIREKASMVVPEEREGRDETNLDLVRGTASADVSTDTRKAGGQEQNGTQQSIVVDMREFRSELPSLIHR
RGIDIEPVTLEVGDYILTPEMCVERKSISDLIGSLNNGRLYSQCISMSRYYKRPVLLIEFDPSKPFSLTSRGALFQEISS
NDISSKLTLLTLHFPRLRILWCPSPHATAELFEELKQSKPQPDAATALAITADSETLPESEKYNPGPQDFLLKMPGVNAK
NCRSLMHHVKNIAELAALSQDELTSILGNAANAKQLYDFIHTSFAEVVSKGKGKK
;
A
#
# COMPACT_ATOMS: atom_id res chain seq x y z
N SER A 100 -1.57 16.87 -50.76
CA SER A 100 -2.60 16.23 -51.58
C SER A 100 -3.88 16.02 -50.78
N ILE A 101 -4.07 16.81 -49.72
CA ILE A 101 -5.29 16.75 -48.92
C ILE A 101 -6.31 17.69 -49.56
N ILE A 102 -7.47 17.15 -49.90
CA ILE A 102 -8.54 17.96 -50.53
C ILE A 102 -9.40 18.49 -49.39
N VAL A 103 -8.95 19.61 -48.82
CA VAL A 103 -9.71 20.27 -47.76
C VAL A 103 -10.97 20.87 -48.36
N SER A 104 -12.12 20.58 -47.75
CA SER A 104 -13.33 21.24 -48.18
C SER A 104 -13.27 22.71 -47.77
N PRO A 105 -13.74 23.62 -48.61
CA PRO A 105 -13.57 25.06 -48.33
C PRO A 105 -14.54 25.62 -47.30
N ARG A 106 -15.23 24.76 -46.55
CA ARG A 106 -16.17 25.26 -45.55
C ARG A 106 -15.48 25.74 -44.26
N GLN A 107 -14.22 25.39 -44.04
CA GLN A 107 -13.56 25.73 -42.79
C GLN A 107 -12.42 26.69 -43.02
N ARG A 108 -12.66 27.74 -43.81
CA ARG A 108 -11.62 28.74 -44.07
C ARG A 108 -11.13 29.38 -42.78
N GLY A 109 -12.05 29.73 -41.89
CA GLY A 109 -11.68 30.39 -40.65
C GLY A 109 -11.28 29.40 -39.57
N ASN A 110 -10.24 28.61 -39.82
CA ASN A 110 -9.80 27.59 -38.89
C ASN A 110 -8.33 27.77 -38.59
N PRO A 111 -7.94 27.99 -37.33
CA PRO A 111 -6.54 28.33 -37.05
C PRO A 111 -5.58 27.16 -37.09
N VAL A 112 -5.99 26.00 -37.62
CA VAL A 112 -5.05 24.88 -37.75
C VAL A 112 -4.53 24.74 -39.17
N LEU A 113 -5.21 25.31 -40.17
CA LEU A 113 -4.67 25.27 -41.53
C LEU A 113 -3.30 25.92 -41.60
N LYS A 114 -3.02 26.85 -40.69
CA LYS A 114 -1.68 27.40 -40.54
C LYS A 114 -0.72 26.44 -39.85
N PHE A 115 -1.22 25.35 -39.28
CA PHE A 115 -0.41 24.43 -38.49
C PHE A 115 -0.10 23.13 -39.23
N VAL A 116 -0.55 22.99 -40.48
CA VAL A 116 -0.23 21.84 -41.31
C VAL A 116 0.76 22.29 -42.39
N ARG A 117 2.03 21.96 -42.18
CA ARG A 117 3.08 22.48 -43.04
C ARG A 117 3.89 21.36 -43.68
N ASN A 118 4.04 20.24 -42.98
CA ASN A 118 4.81 19.12 -43.48
C ASN A 118 4.11 18.34 -44.57
N VAL A 119 3.01 18.87 -45.12
CA VAL A 119 2.23 18.16 -46.12
C VAL A 119 1.52 19.17 -47.00
N PRO A 120 1.39 18.86 -48.29
CA PRO A 120 0.62 19.74 -49.19
C PRO A 120 -0.88 19.55 -49.07
N TRP A 121 -1.59 20.67 -48.95
CA TRP A 121 -3.04 20.66 -48.86
C TRP A 121 -3.63 21.72 -49.77
N GLU A 122 -4.72 21.37 -50.44
CA GLU A 122 -5.39 22.29 -51.36
C GLU A 122 -6.89 22.20 -51.15
N PHE A 123 -7.59 23.30 -51.45
CA PHE A 123 -9.02 23.35 -51.29
C PHE A 123 -9.73 22.57 -52.39
N GLY A 124 -10.96 22.18 -52.12
CA GLY A 124 -11.77 21.42 -53.06
C GLY A 124 -13.11 21.01 -52.46
N ASP A 125 -14.18 21.15 -53.25
CA ASP A 125 -15.53 20.93 -52.73
C ASP A 125 -15.79 19.44 -52.59
N VAL A 126 -15.53 18.91 -51.40
CA VAL A 126 -15.81 17.52 -51.07
C VAL A 126 -16.63 17.50 -49.79
N ILE A 127 -17.51 16.51 -49.66
CA ILE A 127 -18.44 16.46 -48.53
C ILE A 127 -17.72 16.31 -47.19
N PRO A 128 -16.81 15.35 -47.01
CA PRO A 128 -16.07 15.30 -45.73
C PRO A 128 -15.18 16.51 -45.55
N ASP A 129 -14.98 16.87 -44.29
CA ASP A 129 -14.35 18.13 -43.96
C ASP A 129 -12.90 18.17 -44.45
N TYR A 130 -12.08 17.20 -44.04
CA TYR A 130 -10.74 17.00 -44.56
C TYR A 130 -10.65 15.59 -45.13
N VAL A 131 -10.33 15.48 -46.42
CA VAL A 131 -10.25 14.18 -47.06
C VAL A 131 -8.80 13.73 -47.08
N LEU A 132 -8.40 12.94 -46.09
CA LEU A 132 -7.01 12.51 -45.94
C LEU A 132 -6.76 11.24 -46.74
N GLY A 133 -6.86 11.37 -48.06
CA GLY A 133 -6.62 10.25 -48.94
C GLY A 133 -7.82 9.34 -49.05
N GLN A 134 -7.62 8.27 -49.82
CA GLN A 134 -8.71 7.32 -50.06
C GLN A 134 -9.06 6.59 -48.77
N SER A 135 -10.37 6.43 -48.54
CA SER A 135 -10.89 5.71 -47.39
C SER A 135 -10.29 6.22 -46.08
N THR A 136 -10.16 7.54 -45.98
CA THR A 136 -9.79 8.18 -44.71
C THR A 136 -10.30 9.62 -44.76
N CYS A 137 -11.43 9.87 -44.09
CA CYS A 137 -12.00 11.20 -44.05
C CYS A 137 -11.85 11.76 -42.63
N ALA A 138 -12.39 12.96 -42.43
CA ALA A 138 -12.28 13.63 -41.14
C ALA A 138 -13.33 14.71 -41.04
N LEU A 139 -13.61 15.12 -39.80
CA LEU A 139 -14.46 16.25 -39.50
C LEU A 139 -13.78 17.07 -38.40
N PHE A 140 -14.36 18.21 -38.08
CA PHE A 140 -13.80 19.06 -37.05
C PHE A 140 -14.91 19.59 -36.15
N LEU A 141 -14.56 19.82 -34.88
CA LEU A 141 -15.50 20.35 -33.91
C LEU A 141 -14.74 20.93 -32.74
N SER A 142 -14.93 22.21 -32.48
CA SER A 142 -14.42 22.84 -31.27
C SER A 142 -15.55 22.83 -30.24
N LEU A 143 -15.24 22.38 -29.03
CA LEU A 143 -16.29 22.05 -28.07
C LEU A 143 -17.15 23.26 -27.74
N ARG A 144 -16.55 24.45 -27.73
CA ARG A 144 -17.33 25.67 -27.47
C ARG A 144 -18.37 25.89 -28.57
N TYR A 145 -17.98 25.71 -29.83
CA TYR A 145 -18.92 25.84 -30.93
C TYR A 145 -20.02 24.80 -30.82
N HIS A 146 -19.68 23.57 -30.44
CA HIS A 146 -20.71 22.55 -30.25
C HIS A 146 -21.68 22.96 -29.15
N ASN A 147 -21.16 23.52 -28.06
CA ASN A 147 -22.01 24.03 -26.99
C ASN A 147 -22.96 25.09 -27.54
N LEU A 148 -22.45 25.98 -28.39
CA LEU A 148 -23.29 27.04 -28.95
C LEU A 148 -24.45 26.46 -29.76
N HIS A 149 -24.18 25.42 -30.54
CA HIS A 149 -25.24 24.81 -31.34
C HIS A 149 -25.19 23.28 -31.24
N PRO A 150 -26.14 22.68 -30.52
CA PRO A 150 -26.14 21.22 -30.36
C PRO A 150 -26.76 20.46 -31.53
N ASP A 151 -26.93 21.10 -32.68
CA ASP A 151 -27.50 20.44 -33.85
C ASP A 151 -26.52 20.30 -35.00
N TYR A 152 -25.41 21.05 -34.97
CA TYR A 152 -24.48 21.09 -36.10
C TYR A 152 -23.92 19.70 -36.39
N ILE A 153 -23.18 19.14 -35.41
CA ILE A 153 -22.40 17.95 -35.68
C ILE A 153 -23.28 16.74 -35.95
N HIS A 154 -24.45 16.67 -35.32
CA HIS A 154 -25.38 15.60 -35.64
C HIS A 154 -25.80 15.66 -37.10
N GLY A 155 -26.09 16.86 -37.60
CA GLY A 155 -26.45 17.00 -39.00
C GLY A 155 -25.31 16.63 -39.93
N ARG A 156 -24.09 17.06 -39.60
CA ARG A 156 -22.95 16.71 -40.43
C ARG A 156 -22.77 15.20 -40.52
N LEU A 157 -22.80 14.53 -39.37
CA LEU A 157 -22.62 13.08 -39.37
C LEU A 157 -23.76 12.39 -40.11
N GLN A 158 -24.98 12.87 -39.94
CA GLN A 158 -26.12 12.24 -40.62
C GLN A 158 -25.99 12.37 -42.12
N SER A 159 -25.57 13.55 -42.60
CA SER A 159 -25.50 13.80 -44.03
C SER A 159 -24.20 13.35 -44.67
N LEU A 160 -23.21 12.92 -43.87
CA LEU A 160 -21.93 12.50 -44.44
C LEU A 160 -22.09 11.28 -45.35
N GLY A 161 -22.88 10.31 -44.92
CA GLY A 161 -22.96 9.05 -45.64
C GLY A 161 -22.05 8.00 -45.01
N LYS A 162 -21.97 6.86 -45.69
CA LYS A 162 -21.20 5.72 -45.23
C LYS A 162 -20.19 5.26 -46.26
N ASN A 163 -19.57 6.22 -46.97
CA ASN A 163 -18.69 5.85 -48.09
C ASN A 163 -17.35 5.32 -47.59
N PHE A 164 -16.77 5.97 -46.58
CA PHE A 164 -15.35 5.80 -46.29
C PHE A 164 -15.12 4.74 -45.23
N ALA A 165 -13.99 4.03 -45.37
CA ALA A 165 -13.65 2.96 -44.43
C ALA A 165 -13.42 3.51 -43.03
N LEU A 166 -12.55 4.50 -42.91
CA LEU A 166 -12.25 5.14 -41.62
C LEU A 166 -12.71 6.59 -41.69
N ARG A 167 -13.56 6.99 -40.75
CA ARG A 167 -14.10 8.34 -40.70
C ARG A 167 -13.81 8.93 -39.34
N VAL A 168 -12.65 9.50 -39.18
CA VAL A 168 -12.24 10.05 -37.89
C VAL A 168 -13.00 11.34 -37.63
N LEU A 169 -13.12 11.70 -36.36
CA LEU A 169 -13.71 12.97 -35.95
C LEU A 169 -12.84 13.53 -34.83
N LEU A 170 -11.93 14.42 -35.17
CA LEU A 170 -11.03 15.01 -34.19
C LEU A 170 -11.63 16.32 -33.70
N VAL A 171 -11.60 16.53 -32.38
CA VAL A 171 -12.24 17.68 -31.78
C VAL A 171 -11.24 18.38 -30.86
N GLN A 172 -11.49 19.66 -30.63
CA GLN A 172 -10.69 20.47 -29.74
C GLN A 172 -11.45 20.72 -28.45
N VAL A 173 -10.75 20.60 -27.33
CA VAL A 173 -11.31 20.91 -26.03
C VAL A 173 -10.82 22.29 -25.62
N ASP A 174 -11.74 23.16 -25.28
CA ASP A 174 -11.41 24.48 -24.76
C ASP A 174 -12.10 24.79 -23.44
N VAL A 175 -13.36 24.39 -23.28
CA VAL A 175 -14.14 24.70 -22.09
C VAL A 175 -13.55 23.97 -20.89
N LYS A 176 -13.95 24.39 -19.68
CA LYS A 176 -13.45 23.78 -18.46
C LYS A 176 -14.31 22.62 -17.96
N ASP A 177 -15.47 22.39 -18.56
CA ASP A 177 -16.36 21.29 -18.18
C ASP A 177 -16.72 20.52 -19.44
N PRO A 178 -15.88 19.58 -19.85
CA PRO A 178 -16.18 18.79 -21.06
C PRO A 178 -16.88 17.47 -20.80
N GLN A 179 -17.15 17.11 -19.54
CA GLN A 179 -17.59 15.76 -19.23
C GLN A 179 -18.92 15.44 -19.92
N GLN A 180 -19.88 16.37 -19.87
CA GLN A 180 -21.16 16.11 -20.53
C GLN A 180 -21.01 16.11 -22.04
N ALA A 181 -20.26 17.06 -22.58
CA ALA A 181 -20.03 17.10 -24.02
C ALA A 181 -19.28 15.86 -24.49
N LEU A 182 -18.25 15.45 -23.73
CA LEU A 182 -17.51 14.25 -24.09
C LEU A 182 -18.41 13.02 -24.05
N LYS A 183 -19.27 12.92 -23.04
CA LYS A 183 -20.16 11.77 -22.96
C LYS A 183 -21.09 11.71 -24.16
N GLU A 184 -21.72 12.84 -24.49
CA GLU A 184 -22.66 12.85 -25.60
C GLU A 184 -21.97 12.58 -26.92
N LEU A 185 -20.78 13.15 -27.10
CA LEU A 185 -20.01 12.90 -28.32
C LEU A 185 -19.63 11.43 -28.44
N ALA A 186 -19.22 10.81 -27.34
CA ALA A 186 -18.86 9.39 -27.39
C ALA A 186 -20.07 8.55 -27.79
N LYS A 187 -21.24 8.86 -27.21
CA LYS A 187 -22.44 8.13 -27.58
C LYS A 187 -22.76 8.30 -29.06
N MET A 188 -22.71 9.54 -29.55
CA MET A 188 -23.04 9.79 -30.95
C MET A 188 -22.06 9.10 -31.89
N CYS A 189 -20.77 9.14 -31.56
CA CYS A 189 -19.77 8.49 -32.39
C CYS A 189 -19.97 6.98 -32.42
N ILE A 190 -20.30 6.39 -31.27
CA ILE A 190 -20.54 4.94 -31.25
C ILE A 190 -21.75 4.60 -32.11
N LEU A 191 -22.79 5.41 -32.04
CA LEU A 191 -24.02 5.12 -32.77
C LEU A 191 -23.91 5.43 -34.26
N ALA A 192 -22.94 6.23 -34.69
CA ALA A 192 -22.85 6.66 -36.08
C ALA A 192 -21.59 6.15 -36.79
N ASP A 193 -20.83 5.24 -36.19
CA ASP A 193 -19.74 4.53 -36.86
C ASP A 193 -18.60 5.47 -37.27
N CYS A 194 -18.07 6.22 -36.33
CA CYS A 194 -16.91 7.07 -36.55
C CYS A 194 -16.07 7.11 -35.29
N THR A 195 -14.75 7.04 -35.43
CA THR A 195 -13.88 7.12 -34.27
C THR A 195 -13.87 8.54 -33.71
N LEU A 196 -13.26 8.68 -32.54
CA LEU A 196 -13.17 9.96 -31.85
C LEU A 196 -11.73 10.23 -31.44
N ILE A 197 -11.23 11.42 -31.75
CA ILE A 197 -9.86 11.81 -31.45
C ILE A 197 -9.88 13.16 -30.74
N LEU A 198 -9.14 13.28 -29.65
CA LEU A 198 -9.11 14.50 -28.85
C LEU A 198 -7.79 15.22 -29.05
N ALA A 199 -7.85 16.53 -29.29
CA ALA A 199 -6.68 17.39 -29.32
C ALA A 199 -6.96 18.62 -28.47
N TRP A 200 -5.98 19.03 -27.67
CA TRP A 200 -6.17 20.15 -26.75
C TRP A 200 -5.67 21.49 -27.30
N SER A 201 -5.12 21.52 -28.52
CA SER A 201 -4.54 22.74 -29.04
C SER A 201 -4.37 22.58 -30.55
N PRO A 202 -4.29 23.68 -31.29
CA PRO A 202 -4.20 23.57 -32.76
C PRO A 202 -3.02 22.78 -33.26
N GLU A 203 -1.86 22.86 -32.57
CA GLU A 203 -0.70 22.11 -33.04
C GLU A 203 -0.96 20.61 -33.02
N GLU A 204 -1.64 20.12 -31.98
CA GLU A 204 -1.93 18.70 -31.91
C GLU A 204 -2.86 18.26 -33.03
N ALA A 205 -3.89 19.06 -33.32
CA ALA A 205 -4.80 18.72 -34.40
C ALA A 205 -4.08 18.70 -35.74
N GLY A 206 -3.20 19.68 -35.97
CA GLY A 206 -2.42 19.66 -37.20
C GLY A 206 -1.50 18.46 -37.28
N ARG A 207 -0.88 18.09 -36.15
CA ARG A 207 -0.01 16.92 -36.13
C ARG A 207 -0.81 15.65 -36.44
N TYR A 208 -2.03 15.57 -35.93
CA TYR A 208 -2.91 14.45 -36.26
C TYR A 208 -3.19 14.41 -37.75
N LEU A 209 -3.48 15.58 -38.34
CA LEU A 209 -3.69 15.67 -39.78
C LEU A 209 -2.49 15.14 -40.54
N GLU A 210 -1.30 15.62 -40.19
CA GLU A 210 -0.08 15.23 -40.90
C GLU A 210 0.16 13.73 -40.76
N THR A 211 0.00 13.19 -39.55
CA THR A 211 0.23 11.77 -39.35
C THR A 211 -0.76 10.94 -40.15
N TYR A 212 -2.03 11.33 -40.18
CA TYR A 212 -3.01 10.57 -40.93
C TYR A 212 -2.70 10.59 -42.42
N LYS A 213 -2.20 11.71 -42.94
CA LYS A 213 -1.87 11.75 -44.36
C LYS A 213 -0.61 10.95 -44.67
N ALA A 214 0.44 11.12 -43.86
CA ALA A 214 1.73 10.51 -44.18
C ALA A 214 1.72 9.00 -44.01
N TYR A 215 0.79 8.45 -43.24
CA TYR A 215 0.79 7.04 -42.88
C TYR A 215 -0.18 6.22 -43.72
N GLU A 216 -0.36 6.60 -44.99
CA GLU A 216 -1.41 5.98 -45.79
C GLU A 216 -1.14 4.50 -46.02
N GLN A 217 0.13 4.13 -46.20
CA GLN A 217 0.49 2.73 -46.38
C GLN A 217 1.64 2.34 -45.47
N LYS A 218 1.79 3.02 -44.34
CA LYS A 218 2.83 2.68 -43.39
C LYS A 218 2.54 1.32 -42.79
N PRO A 219 3.51 0.40 -42.75
CA PRO A 219 3.26 -0.91 -42.17
C PRO A 219 3.15 -0.83 -40.65
N ALA A 220 2.56 -1.87 -40.07
CA ALA A 220 2.32 -1.95 -38.64
C ALA A 220 3.52 -2.44 -37.85
N ASP A 221 4.71 -2.45 -38.47
CA ASP A 221 5.91 -2.95 -37.81
C ASP A 221 6.26 -2.14 -36.57
N LEU A 222 5.74 -0.92 -36.44
CA LEU A 222 6.06 -0.09 -35.28
C LEU A 222 5.45 -0.64 -34.01
N LEU A 223 4.26 -1.25 -34.09
CA LEU A 223 3.52 -1.66 -32.91
C LEU A 223 3.76 -3.11 -32.51
N MET A 224 4.37 -3.91 -33.37
CA MET A 224 4.68 -5.28 -33.00
C MET A 224 5.80 -5.31 -31.95
N GLU A 225 5.84 -6.40 -31.20
CA GLU A 225 6.81 -6.53 -30.12
C GLU A 225 8.19 -6.83 -30.69
N LYS A 226 9.22 -6.29 -30.03
CA LYS A 226 10.59 -6.56 -30.42
C LYS A 226 10.89 -8.05 -30.22
N LEU A 227 11.10 -8.76 -31.32
CA LEU A 227 11.26 -10.20 -31.31
C LEU A 227 12.73 -10.55 -31.56
N GLU A 228 13.27 -11.42 -30.70
CA GLU A 228 14.68 -11.75 -30.76
C GLU A 228 15.01 -12.58 -31.99
N GLN A 229 16.19 -12.32 -32.55
CA GLN A 229 16.64 -13.00 -33.76
C GLN A 229 17.46 -14.25 -33.47
N ASP A 230 17.75 -14.54 -32.21
CA ASP A 230 18.47 -15.76 -31.88
C ASP A 230 17.65 -16.98 -32.29
N PHE A 231 18.31 -17.93 -32.94
CA PHE A 231 17.58 -19.05 -33.55
C PHE A 231 16.78 -19.81 -32.51
N VAL A 232 17.41 -20.17 -31.39
CA VAL A 232 16.70 -20.89 -30.34
C VAL A 232 15.57 -20.03 -29.79
N SER A 233 15.83 -18.74 -29.59
CA SER A 233 14.78 -17.86 -29.08
C SER A 233 13.65 -17.72 -30.07
N ARG A 234 13.97 -17.61 -31.36
CA ARG A 234 12.90 -17.51 -32.36
C ARG A 234 12.04 -18.75 -32.38
N VAL A 235 12.67 -19.93 -32.33
CA VAL A 235 11.88 -21.17 -32.35
C VAL A 235 11.03 -21.27 -31.10
N THR A 236 11.60 -21.00 -29.92
CA THR A 236 10.83 -21.09 -28.70
C THR A 236 9.80 -19.99 -28.57
N GLU A 237 9.88 -18.94 -29.39
CA GLU A 237 8.84 -17.94 -29.44
C GLU A 237 7.74 -18.29 -30.43
N CYS A 238 8.08 -19.03 -31.49
CA CYS A 238 7.08 -19.41 -32.47
C CYS A 238 6.20 -20.55 -31.98
N LEU A 239 6.75 -21.44 -31.15
CA LEU A 239 5.99 -22.55 -30.59
C LEU A 239 5.16 -22.15 -29.39
N THR A 240 5.34 -20.94 -28.87
CA THR A 240 4.56 -20.45 -27.75
C THR A 240 3.22 -19.88 -28.19
N THR A 241 3.04 -19.58 -29.48
CA THR A 241 1.82 -18.94 -29.93
C THR A 241 0.59 -19.82 -29.76
N VAL A 242 0.77 -21.13 -29.62
CA VAL A 242 -0.36 -21.99 -29.30
C VAL A 242 -0.65 -21.92 -27.82
N LYS A 243 -1.92 -22.05 -27.46
CA LYS A 243 -2.34 -21.82 -26.08
C LYS A 243 -1.77 -22.88 -25.14
N SER A 244 -1.49 -22.46 -23.92
CA SER A 244 -1.13 -23.33 -22.80
C SER A 244 0.21 -24.03 -22.98
N VAL A 245 1.01 -23.63 -23.96
CA VAL A 245 2.33 -24.20 -24.20
C VAL A 245 3.38 -23.16 -23.82
N ASN A 246 4.28 -23.54 -22.93
CA ASN A 246 5.25 -22.63 -22.36
C ASN A 246 6.66 -22.97 -22.83
N LYS A 247 7.63 -22.16 -22.40
CA LYS A 247 8.99 -22.30 -22.92
C LYS A 247 9.64 -23.61 -22.48
N THR A 248 9.28 -24.13 -21.31
CA THR A 248 9.92 -25.36 -20.82
C THR A 248 9.63 -26.54 -21.72
N ASP A 249 8.36 -26.80 -22.02
CA ASP A 249 8.07 -27.92 -22.89
C ASP A 249 8.49 -27.60 -24.32
N SER A 250 8.56 -26.32 -24.66
CA SER A 250 9.10 -25.94 -25.96
C SER A 250 10.52 -26.45 -26.11
N GLN A 251 11.36 -26.21 -25.12
CA GLN A 251 12.73 -26.70 -25.17
C GLN A 251 12.78 -28.22 -25.05
N THR A 252 11.86 -28.81 -24.29
CA THR A 252 11.82 -30.27 -24.19
C THR A 252 11.58 -30.90 -25.56
N LEU A 253 10.56 -30.41 -26.27
CA LEU A 253 10.29 -30.85 -27.63
C LEU A 253 11.44 -30.53 -28.56
N LEU A 254 12.12 -29.39 -28.36
CA LEU A 254 13.27 -29.05 -29.16
C LEU A 254 14.36 -30.11 -29.05
N THR A 255 14.72 -30.46 -27.82
CA THR A 255 15.75 -31.48 -27.61
C THR A 255 15.29 -32.84 -28.14
N THR A 256 14.02 -33.17 -27.95
CA THR A 256 13.54 -34.48 -28.37
C THR A 256 13.52 -34.62 -29.89
N PHE A 257 13.13 -33.57 -30.61
CA PHE A 257 12.94 -33.65 -32.05
C PHE A 257 14.08 -33.01 -32.84
N GLY A 258 14.56 -31.85 -32.42
CA GLY A 258 15.61 -31.16 -33.13
C GLY A 258 15.11 -30.30 -34.28
N SER A 259 14.76 -30.92 -35.39
CA SER A 259 14.35 -30.21 -36.58
C SER A 259 12.85 -29.95 -36.58
N LEU A 260 12.43 -28.92 -37.31
CA LEU A 260 11.01 -28.63 -37.43
C LEU A 260 10.33 -29.57 -38.41
N GLU A 261 11.08 -30.11 -39.37
CA GLU A 261 10.48 -30.92 -40.43
C GLU A 261 9.71 -32.11 -39.86
N GLN A 262 10.41 -32.99 -39.13
CA GLN A 262 9.74 -34.13 -38.54
C GLN A 262 8.80 -33.74 -37.40
N LEU A 263 8.96 -32.54 -36.84
CA LEU A 263 7.96 -32.03 -35.89
C LEU A 263 6.62 -31.84 -36.58
N ILE A 264 6.64 -31.32 -37.80
CA ILE A 264 5.41 -31.31 -38.59
C ILE A 264 5.05 -32.73 -39.02
N ALA A 265 6.05 -33.58 -39.24
CA ALA A 265 5.79 -34.94 -39.71
C ALA A 265 5.27 -35.86 -38.62
N ALA A 266 5.73 -35.71 -37.37
CA ALA A 266 5.35 -36.61 -36.31
C ALA A 266 3.87 -36.48 -35.98
N SER A 267 3.25 -37.60 -35.63
CA SER A 267 1.81 -37.69 -35.47
C SER A 267 1.36 -37.22 -34.09
N ARG A 268 0.04 -37.29 -33.87
CA ARG A 268 -0.55 -36.76 -32.65
C ARG A 268 -0.08 -37.52 -31.42
N GLU A 269 -0.21 -38.84 -31.44
CA GLU A 269 0.19 -39.66 -30.29
C GLU A 269 1.68 -39.56 -30.06
N ASP A 270 2.47 -39.55 -31.13
CA ASP A 270 3.91 -39.38 -31.01
C ASP A 270 4.25 -38.07 -30.33
N LEU A 271 3.50 -37.01 -30.63
CA LEU A 271 3.64 -35.77 -29.88
C LEU A 271 3.29 -35.97 -28.41
N ALA A 272 2.20 -36.70 -28.15
CA ALA A 272 1.70 -36.84 -26.78
C ALA A 272 2.67 -37.60 -25.90
N LEU A 273 3.43 -38.54 -26.46
CA LEU A 273 4.32 -39.36 -25.63
C LEU A 273 5.36 -38.54 -24.90
N CYS A 274 5.75 -37.38 -25.42
CA CYS A 274 6.81 -36.60 -24.81
C CYS A 274 6.39 -36.11 -23.43
N PRO A 275 7.34 -35.94 -22.52
CA PRO A 275 7.00 -35.46 -21.18
C PRO A 275 6.51 -34.02 -21.21
N GLY A 276 5.63 -33.70 -20.27
CA GLY A 276 5.10 -32.36 -20.13
C GLY A 276 4.06 -31.96 -21.14
N LEU A 277 3.60 -32.89 -21.97
CA LEU A 277 2.69 -32.59 -23.07
C LEU A 277 1.58 -33.64 -23.08
N GLY A 278 0.41 -33.27 -22.54
CA GLY A 278 -0.69 -34.19 -22.43
C GLY A 278 -1.62 -34.15 -23.62
N PRO A 279 -2.81 -34.71 -23.47
CA PRO A 279 -3.75 -34.73 -24.60
C PRO A 279 -4.13 -33.35 -25.10
N GLN A 280 -4.28 -32.37 -24.22
CA GLN A 280 -4.73 -31.04 -24.63
C GLN A 280 -3.70 -30.35 -25.50
N LYS A 281 -2.45 -30.31 -25.02
CA LYS A 281 -1.38 -29.68 -25.80
C LYS A 281 -1.18 -30.40 -27.13
N ALA A 282 -1.23 -31.73 -27.11
CA ALA A 282 -1.06 -32.50 -28.34
C ALA A 282 -2.15 -32.16 -29.35
N ARG A 283 -3.39 -32.09 -28.90
CA ARG A 283 -4.47 -31.74 -29.81
C ARG A 283 -4.28 -30.34 -30.38
N ARG A 284 -3.93 -29.38 -29.52
CA ARG A 284 -3.75 -28.01 -30.00
C ARG A 284 -2.63 -27.93 -31.03
N LEU A 285 -1.50 -28.57 -30.74
CA LEU A 285 -0.35 -28.49 -31.63
C LEU A 285 -0.62 -29.19 -32.96
N PHE A 286 -1.20 -30.39 -32.91
CA PHE A 286 -1.52 -31.09 -34.16
C PHE A 286 -2.49 -30.29 -35.00
N ASP A 287 -3.52 -29.71 -34.38
CA ASP A 287 -4.50 -28.95 -35.16
C ASP A 287 -3.89 -27.68 -35.72
N VAL A 288 -2.98 -27.04 -34.98
CA VAL A 288 -2.31 -25.86 -35.50
C VAL A 288 -1.46 -26.20 -36.71
N LEU A 289 -0.73 -27.32 -36.65
CA LEU A 289 0.14 -27.70 -37.75
C LEU A 289 -0.65 -28.14 -38.98
N HIS A 290 -1.63 -29.02 -38.79
CA HIS A 290 -2.30 -29.70 -39.89
C HIS A 290 -3.71 -29.15 -40.14
N GLU A 291 -3.89 -27.84 -40.03
CA GLU A 291 -5.17 -27.25 -40.41
C GLU A 291 -5.02 -26.41 -41.65
N PRO A 292 -6.06 -26.30 -42.47
CA PRO A 292 -5.99 -25.43 -43.65
C PRO A 292 -5.85 -23.97 -43.26
N PHE A 293 -5.07 -23.24 -44.04
CA PHE A 293 -4.97 -21.79 -43.83
C PHE A 293 -6.32 -21.13 -44.08
N LEU A 294 -7.02 -21.53 -45.12
CA LEU A 294 -8.32 -20.99 -45.45
C LEU A 294 -9.41 -21.70 -44.66
N LYS A 295 -10.49 -20.97 -44.38
CA LYS A 295 -11.67 -21.55 -43.76
C LYS A 295 -12.56 -22.13 -44.86
N VAL A 296 -13.00 -23.37 -44.67
CA VAL A 296 -13.83 -24.02 -45.68
C VAL A 296 -15.29 -23.93 -45.29
N ALA B 2 8.30 -15.26 43.30
CA ALA B 2 8.25 -14.27 42.24
C ALA B 2 8.56 -14.88 40.89
N SER B 3 7.76 -14.53 39.88
CA SER B 3 8.00 -14.97 38.52
C SER B 3 7.98 -13.77 37.59
N LYS B 4 9.10 -13.53 36.92
CA LYS B 4 9.21 -12.43 35.98
C LYS B 4 9.99 -12.91 34.77
N LYS B 5 9.81 -12.21 33.67
CA LYS B 5 10.45 -12.59 32.41
C LYS B 5 11.94 -12.31 32.48
N PHE B 6 12.75 -13.35 32.23
CA PHE B 6 14.19 -13.27 32.35
C PHE B 6 14.84 -13.39 30.98
N ALA B 7 16.16 -13.28 30.96
CA ALA B 7 16.94 -13.35 29.73
C ALA B 7 18.05 -14.36 29.90
N VAL B 8 18.28 -15.15 28.85
CA VAL B 8 19.34 -16.16 28.86
C VAL B 8 20.34 -15.80 27.78
N LYS B 9 21.59 -16.23 27.96
CA LYS B 9 22.63 -15.98 26.98
C LYS B 9 23.03 -17.29 26.32
N CYS B 10 23.35 -17.21 25.04
CA CYS B 10 23.80 -18.36 24.26
C CYS B 10 24.87 -17.83 23.32
N GLY B 11 26.13 -18.04 23.70
CA GLY B 11 27.23 -17.49 22.94
C GLY B 11 27.12 -15.99 22.80
N ASN B 12 26.90 -15.52 21.59
CA ASN B 12 26.88 -14.09 21.31
C ASN B 12 25.46 -13.52 21.38
N PHE B 13 24.46 -14.35 21.70
CA PHE B 13 23.08 -13.92 21.65
C PHE B 13 22.46 -13.89 23.04
N ALA B 14 21.43 -13.07 23.19
CA ALA B 14 20.59 -13.04 24.38
C ALA B 14 19.15 -13.28 23.94
N VAL B 15 18.53 -14.34 24.47
CA VAL B 15 17.12 -14.63 24.22
C VAL B 15 16.32 -14.12 25.40
N LEU B 16 15.28 -13.35 25.11
CA LEU B 16 14.40 -12.77 26.14
C LEU B 16 13.18 -13.68 26.24
N VAL B 17 13.18 -14.58 27.21
CA VAL B 17 12.08 -15.52 27.33
C VAL B 17 10.85 -14.80 27.86
N ASP B 18 9.68 -15.23 27.39
CA ASP B 18 8.40 -14.60 27.72
C ASP B 18 7.64 -15.57 28.62
N LEU B 19 7.92 -15.51 29.91
CA LEU B 19 7.39 -16.48 30.85
C LEU B 19 5.97 -16.11 31.27
N HIS B 20 5.11 -17.12 31.35
CA HIS B 20 3.74 -16.96 31.82
C HIS B 20 3.47 -17.99 32.90
N ILE B 21 2.49 -17.69 33.75
CA ILE B 21 2.17 -18.52 34.90
C ILE B 21 0.69 -18.84 34.87
N LEU B 22 0.36 -20.11 35.05
CA LEU B 22 -1.05 -20.51 35.03
C LEU B 22 -1.59 -20.57 36.45
N PRO B 23 -2.78 -20.03 36.70
CA PRO B 23 -3.28 -19.94 38.08
C PRO B 23 -3.64 -21.29 38.66
N GLN B 24 -3.74 -21.33 39.99
CA GLN B 24 -4.12 -22.55 40.71
C GLN B 24 -5.65 -22.58 40.82
N GLY B 25 -6.27 -23.03 39.74
CA GLY B 25 -7.73 -23.09 39.73
C GLY B 25 -8.34 -21.70 39.61
N SER B 26 -9.35 -21.44 40.44
CA SER B 26 -9.93 -20.11 40.46
C SER B 26 -9.04 -19.11 41.19
N ASN B 27 -8.48 -19.50 42.33
CA ASN B 27 -7.69 -18.59 43.15
C ASN B 27 -6.26 -18.57 42.61
N LYS B 28 -5.87 -17.46 42.02
CA LYS B 28 -4.58 -17.36 41.37
C LYS B 28 -3.47 -17.05 42.37
N ASP B 29 -2.26 -17.52 42.05
CA ASP B 29 -1.05 -17.21 42.80
C ASP B 29 0.14 -17.63 41.95
N THR B 30 1.23 -16.87 42.05
CA THR B 30 2.46 -17.18 41.33
C THR B 30 3.66 -17.36 42.25
N SER B 31 3.47 -17.23 43.57
CA SER B 31 4.60 -17.25 44.48
C SER B 31 5.30 -18.60 44.49
N TRP B 32 4.59 -19.68 44.16
CA TRP B 32 5.19 -21.01 44.18
C TRP B 32 6.31 -21.17 43.19
N PHE B 33 6.35 -20.34 42.13
CA PHE B 33 7.44 -20.36 41.16
C PHE B 33 8.66 -19.66 41.74
N SER B 34 9.29 -20.35 42.70
CA SER B 34 10.42 -19.77 43.39
C SER B 34 11.61 -19.64 42.46
N GLU B 35 12.53 -18.76 42.84
CA GLU B 35 13.74 -18.55 42.04
C GLU B 35 14.55 -19.85 41.94
N GLN B 36 14.53 -20.66 42.99
CA GLN B 36 15.13 -22.00 42.93
C GLN B 36 14.43 -22.86 41.90
N LYS B 37 13.16 -22.61 41.61
CA LYS B 37 12.46 -23.30 40.55
C LYS B 37 12.66 -22.66 39.19
N LYS B 38 13.42 -21.57 39.10
CA LYS B 38 13.53 -20.81 37.86
C LYS B 38 14.73 -21.24 37.01
N GLU B 39 15.94 -21.12 37.56
CA GLU B 39 17.14 -21.22 36.74
C GLU B 39 17.26 -22.59 36.07
N GLU B 40 17.11 -23.68 36.84
CA GLU B 40 17.28 -24.99 36.24
C GLU B 40 16.27 -25.22 35.13
N VAL B 41 15.20 -24.42 35.11
CA VAL B 41 14.22 -24.51 34.03
C VAL B 41 14.91 -24.41 32.69
N CYS B 42 15.77 -23.40 32.51
CA CYS B 42 16.35 -23.24 31.17
C CYS B 42 17.21 -24.44 30.80
N LEU B 43 17.77 -25.12 31.79
CA LEU B 43 18.52 -26.34 31.49
C LEU B 43 17.64 -27.36 30.80
N LEU B 44 16.40 -27.52 31.30
CA LEU B 44 15.42 -28.37 30.62
C LEU B 44 15.24 -27.94 29.17
N LEU B 45 15.26 -26.64 28.91
CA LEU B 45 15.20 -26.10 27.56
C LEU B 45 16.55 -25.58 27.08
N LYS B 46 17.66 -26.11 27.59
CA LYS B 46 18.96 -25.67 27.08
C LYS B 46 19.13 -26.06 25.61
N GLU B 47 19.16 -27.36 25.33
CA GLU B 47 19.54 -27.84 24.01
C GLU B 47 18.73 -27.19 22.92
N THR B 48 17.39 -27.16 23.08
CA THR B 48 16.53 -26.61 22.04
C THR B 48 16.99 -25.22 21.64
N ILE B 49 17.22 -24.34 22.61
CA ILE B 49 17.61 -22.98 22.29
C ILE B 49 18.89 -22.98 21.47
N ASP B 50 19.88 -23.77 21.91
CA ASP B 50 21.12 -23.85 21.17
C ASP B 50 20.89 -24.33 19.74
N SER B 51 20.03 -25.34 19.58
CA SER B 51 19.68 -25.79 18.24
C SER B 51 19.13 -24.64 17.42
N ARG B 52 18.24 -23.86 18.02
CA ARG B 52 17.69 -22.71 17.32
C ARG B 52 18.79 -21.70 16.99
N VAL B 53 19.72 -21.47 17.92
CA VAL B 53 20.81 -20.55 17.64
C VAL B 53 21.78 -21.11 16.62
N GLN B 54 21.67 -22.39 16.29
CA GLN B 54 22.54 -22.93 15.26
C GLN B 54 22.00 -22.64 13.87
N GLU B 55 20.80 -23.12 13.57
CA GLU B 55 20.28 -23.02 12.21
C GLU B 55 20.25 -21.58 11.75
N TYR B 56 19.80 -20.66 12.61
CA TYR B 56 19.74 -19.25 12.24
C TYR B 56 21.07 -18.79 11.66
N LEU B 57 22.17 -19.12 12.33
CA LEU B 57 23.47 -18.70 11.83
C LEU B 57 23.72 -19.26 10.43
N GLU B 58 23.51 -20.57 10.25
CA GLU B 58 23.74 -21.14 8.92
C GLU B 58 22.72 -20.70 7.90
N VAL B 59 21.66 -20.03 8.33
CA VAL B 59 20.82 -19.36 7.35
C VAL B 59 21.37 -17.97 7.05
N ARG B 60 21.81 -17.25 8.08
CA ARG B 60 22.30 -15.89 7.88
C ARG B 60 23.54 -15.86 7.01
N LYS B 61 24.46 -16.82 7.20
CA LYS B 61 25.63 -16.90 6.34
C LYS B 61 25.25 -17.19 4.89
N GLN B 62 24.10 -17.85 4.68
CA GLN B 62 23.70 -18.28 3.34
C GLN B 62 22.84 -17.25 2.63
N HIS B 63 22.46 -16.16 3.32
CA HIS B 63 21.79 -15.00 2.73
C HIS B 63 20.40 -15.35 2.20
N ARG B 64 19.52 -15.77 3.11
CA ARG B 64 18.10 -15.94 2.83
C ARG B 64 17.33 -15.88 4.13
N PRO B 65 16.02 -15.68 4.08
CA PRO B 65 15.22 -15.67 5.32
C PRO B 65 15.19 -17.04 5.98
N SER B 66 14.55 -17.08 7.15
CA SER B 66 14.43 -18.30 7.94
C SER B 66 12.98 -18.49 8.37
N ASN B 67 12.57 -19.75 8.46
CA ASN B 67 11.25 -20.11 8.94
C ASN B 67 11.36 -20.90 10.24
N ALA B 68 10.24 -20.96 10.96
CA ALA B 68 10.26 -21.36 12.37
C ALA B 68 10.64 -22.83 12.54
N GLU B 69 9.91 -23.72 11.87
CA GLU B 69 10.04 -25.18 12.00
C GLU B 69 9.69 -25.64 13.42
N PHE B 70 9.37 -24.69 14.29
CA PHE B 70 8.89 -24.99 15.64
C PHE B 70 8.10 -23.77 16.11
N THR B 71 6.78 -23.84 16.06
CA THR B 71 5.97 -22.66 16.30
C THR B 71 4.68 -23.06 17.00
N ARG B 72 3.73 -22.13 17.03
CA ARG B 72 2.49 -22.33 17.76
C ARG B 72 1.72 -23.55 17.28
N SER B 73 1.80 -23.84 15.98
CA SER B 73 1.11 -25.01 15.43
C SER B 73 1.72 -26.31 15.96
N ASN B 74 3.00 -26.32 16.28
CA ASN B 74 3.70 -27.50 16.80
C ASN B 74 4.52 -27.11 18.02
N PRO B 75 3.89 -26.93 19.18
CA PRO B 75 4.65 -26.56 20.37
C PRO B 75 5.52 -27.68 20.90
N LEU B 76 6.18 -27.43 22.04
CA LEU B 76 7.06 -28.40 22.70
C LEU B 76 6.54 -28.66 24.11
N SER B 77 5.78 -29.73 24.28
CA SER B 77 5.35 -30.12 25.61
C SER B 77 6.49 -30.84 26.32
N LEU B 78 6.84 -30.39 27.52
CA LEU B 78 7.93 -30.97 28.28
C LEU B 78 7.50 -31.21 29.72
N LYS B 79 8.20 -32.13 30.37
CA LYS B 79 7.92 -32.53 31.74
C LYS B 79 9.11 -32.22 32.62
N GLY B 80 8.86 -31.54 33.74
CA GLY B 80 9.90 -31.27 34.71
C GLY B 80 9.51 -31.77 36.07
N TYR B 81 9.88 -31.03 37.12
CA TYR B 81 9.58 -31.41 38.49
C TYR B 81 8.28 -30.73 38.91
N GLY B 82 7.16 -31.36 38.56
CA GLY B 82 5.87 -30.87 38.98
C GLY B 82 5.32 -29.71 38.19
N PHE B 83 5.90 -29.37 37.05
CA PHE B 83 5.40 -28.28 36.22
C PHE B 83 5.37 -28.70 34.77
N GLN B 84 4.41 -28.15 34.04
CA GLN B 84 4.33 -28.31 32.60
C GLN B 84 5.17 -27.25 31.90
N ILE B 85 5.51 -27.51 30.66
CA ILE B 85 6.27 -26.58 29.83
C ILE B 85 5.67 -26.58 28.43
N THR B 86 5.41 -25.40 27.88
CA THR B 86 4.93 -25.29 26.50
C THR B 86 5.56 -24.08 25.85
N ALA B 87 6.41 -24.29 24.85
CA ALA B 87 7.26 -23.24 24.29
C ALA B 87 7.06 -23.11 22.79
N TYR B 88 6.86 -21.89 22.33
CA TYR B 88 6.75 -21.60 20.90
C TYR B 88 7.99 -20.82 20.47
N PHE B 89 8.00 -20.33 19.24
CA PHE B 89 9.04 -19.43 18.75
C PHE B 89 8.41 -18.52 17.71
N LEU B 90 7.95 -17.34 18.13
CA LEU B 90 7.31 -16.40 17.23
C LEU B 90 8.33 -15.42 16.66
N LYS B 91 7.91 -14.72 15.62
CA LYS B 91 8.68 -13.59 15.10
C LYS B 91 8.28 -12.34 15.83
N ARG B 92 9.21 -11.39 15.95
CA ARG B 92 8.93 -10.14 16.62
C ARG B 92 8.79 -8.98 15.64
N GLY B 93 9.72 -8.86 14.70
CA GLY B 93 9.68 -7.78 13.74
C GLY B 93 10.05 -6.43 14.30
N ILE B 94 10.77 -6.38 15.42
CA ILE B 94 11.24 -5.13 16.01
C ILE B 94 12.72 -5.31 16.33
N ARG B 95 13.54 -4.37 15.87
CA ARG B 95 14.99 -4.48 16.03
C ARG B 95 15.40 -3.93 17.38
N LEU B 96 15.53 -4.82 18.36
CA LEU B 96 16.03 -4.42 19.67
C LEU B 96 17.55 -4.35 19.66
N ARG B 97 18.09 -3.63 20.65
CA ARG B 97 19.52 -3.59 20.90
C ARG B 97 19.72 -3.62 22.41
N CYS B 98 20.67 -4.42 22.87
CA CYS B 98 20.85 -4.68 24.29
C CYS B 98 22.28 -4.37 24.71
N ILE B 99 22.43 -3.62 25.81
CA ILE B 99 23.73 -3.33 26.38
C ILE B 99 23.71 -3.76 27.85
N ARG B 100 24.64 -4.62 28.23
CA ARG B 100 24.82 -5.00 29.63
C ARG B 100 25.53 -3.86 30.35
N SER B 101 24.84 -3.24 31.31
CA SER B 101 25.37 -2.07 31.98
C SER B 101 26.47 -2.43 32.97
N THR B 102 26.33 -3.57 33.66
CA THR B 102 27.34 -3.99 34.62
C THR B 102 28.67 -4.27 33.95
N GLN B 103 28.68 -4.43 32.62
CA GLN B 103 29.89 -4.50 31.83
C GLN B 103 29.81 -3.61 30.61
N ASN B 104 28.74 -2.82 30.49
CA ASN B 104 28.43 -1.87 29.41
C ASN B 104 28.83 -2.38 28.03
N ALA B 105 28.56 -3.66 27.77
CA ALA B 105 28.97 -4.29 26.52
C ALA B 105 27.74 -4.70 25.73
N GLU B 106 27.83 -4.58 24.40
CA GLU B 106 26.74 -4.97 23.52
C GLU B 106 26.48 -6.47 23.63
N LEU B 107 25.21 -6.85 23.44
CA LEU B 107 24.83 -8.26 23.41
C LEU B 107 23.70 -8.41 22.41
N CYS B 108 23.92 -9.21 21.37
CA CYS B 108 22.91 -9.35 20.33
C CYS B 108 21.68 -10.07 20.87
N VAL B 109 20.51 -9.66 20.39
CA VAL B 109 19.24 -10.27 20.77
C VAL B 109 18.77 -11.15 19.64
N PHE B 110 18.28 -12.33 19.96
CA PHE B 110 17.73 -13.18 18.93
C PHE B 110 16.48 -12.54 18.36
N PRO B 111 16.32 -12.50 17.06
CA PRO B 111 15.16 -11.80 16.48
C PRO B 111 13.87 -12.60 16.56
N ASP B 112 13.84 -13.64 17.39
CA ASP B 112 12.64 -14.43 17.60
C ASP B 112 12.25 -14.38 19.07
N ARG B 113 10.95 -14.19 19.31
CA ARG B 113 10.42 -14.18 20.67
C ARG B 113 10.17 -15.61 21.12
N PHE B 114 10.66 -15.95 22.29
CA PHE B 114 10.60 -17.31 22.83
C PHE B 114 9.61 -17.32 23.98
N VAL B 115 8.35 -17.60 23.68
CA VAL B 115 7.29 -17.58 24.67
C VAL B 115 7.09 -18.97 25.23
N VAL B 116 7.23 -19.10 26.55
CA VAL B 116 7.06 -20.37 27.25
C VAL B 116 5.99 -20.18 28.31
N CYS B 117 5.17 -21.20 28.51
CA CYS B 117 4.11 -21.19 29.50
C CYS B 117 4.26 -22.39 30.41
N VAL B 118 4.07 -22.16 31.71
CA VAL B 118 4.27 -23.18 32.73
C VAL B 118 3.00 -23.28 33.57
N SER B 119 2.85 -24.39 34.24
CA SER B 119 1.70 -24.60 35.10
C SER B 119 2.05 -25.67 36.14
N GLN B 120 1.45 -25.54 37.32
CA GLN B 120 1.67 -26.51 38.37
C GLN B 120 0.99 -27.83 37.99
N LEU B 121 1.44 -28.90 38.63
CA LEU B 121 0.92 -30.23 38.35
C LEU B 121 0.48 -30.91 39.64
N ALA B 122 0.20 -32.21 39.54
CA ALA B 122 -0.20 -33.01 40.70
C ALA B 122 0.98 -33.23 41.64
N SER E 183 -20.19 -34.50 9.33
CA SER E 183 -21.17 -33.86 10.19
C SER E 183 -21.34 -32.39 9.81
N PRO E 184 -22.58 -31.92 9.74
CA PRO E 184 -22.82 -30.52 9.39
C PRO E 184 -22.23 -29.60 10.43
N PRO E 185 -21.61 -28.49 10.02
CA PRO E 185 -21.00 -27.57 10.98
C PRO E 185 -22.03 -26.89 11.86
N LEU E 186 -21.61 -26.56 13.08
CA LEU E 186 -22.51 -26.02 14.09
C LEU E 186 -23.10 -24.66 13.69
N LEU E 187 -22.47 -23.95 12.74
CA LEU E 187 -22.95 -22.62 12.39
C LEU E 187 -24.38 -22.66 11.88
N LEU E 188 -24.70 -23.62 11.00
CA LEU E 188 -26.06 -23.75 10.49
C LEU E 188 -26.98 -24.47 11.47
N VAL E 189 -26.44 -25.21 12.42
CA VAL E 189 -27.21 -26.10 13.29
C VAL E 189 -27.85 -25.30 14.42
N GLN E 190 -27.02 -24.65 15.22
CA GLN E 190 -27.53 -23.93 16.39
C GLN E 190 -28.37 -22.73 15.99
N ASP E 191 -29.45 -22.50 16.73
CA ASP E 191 -30.33 -21.37 16.48
C ASP E 191 -29.64 -20.06 16.88
N SER E 192 -30.23 -18.96 16.44
CA SER E 192 -29.67 -17.64 16.75
C SER E 192 -29.94 -17.24 18.19
N GLU E 193 -31.13 -17.56 18.71
CA GLU E 193 -31.45 -17.15 20.08
C GLU E 193 -30.55 -17.84 21.09
N THR E 194 -30.26 -19.12 20.87
CA THR E 194 -29.29 -19.81 21.72
C THR E 194 -27.92 -19.15 21.63
N THR E 195 -27.56 -18.68 20.44
CA THR E 195 -26.31 -17.95 20.29
C THR E 195 -26.32 -16.67 21.13
N GLY E 196 -27.43 -15.95 21.12
CA GLY E 196 -27.53 -14.75 21.94
C GLY E 196 -27.44 -15.06 23.41
N ARG E 197 -28.05 -16.16 23.84
CA ARG E 197 -27.96 -16.56 25.23
C ARG E 197 -26.53 -16.90 25.61
N GLN E 198 -25.81 -17.61 24.73
CA GLN E 198 -24.41 -17.90 24.99
C GLN E 198 -23.58 -16.61 25.08
N ILE E 199 -23.87 -15.65 24.20
CA ILE E 199 -23.17 -14.36 24.23
C ILE E 199 -23.43 -13.65 25.55
N GLU E 200 -24.68 -13.67 26.02
CA GLU E 200 -25.01 -13.03 27.29
C GLU E 200 -24.28 -13.71 28.45
N ASP E 201 -24.20 -15.04 28.42
CA ASP E 201 -23.44 -15.73 29.45
C ASP E 201 -21.96 -15.33 29.41
N ARG E 202 -21.41 -15.22 28.21
CA ARG E 202 -20.00 -14.85 28.09
C ARG E 202 -19.73 -13.44 28.60
N VAL E 203 -20.61 -12.49 28.27
CA VAL E 203 -20.37 -11.12 28.72
C VAL E 203 -20.59 -11.00 30.23
N ALA E 204 -21.60 -11.68 30.76
CA ALA E 204 -21.82 -11.66 32.20
C ALA E 204 -20.65 -12.31 32.94
N LEU E 205 -19.98 -13.26 32.31
CA LEU E 205 -18.73 -13.76 32.87
C LEU E 205 -17.63 -12.72 32.76
N LEU E 206 -17.59 -12.00 31.64
CA LEU E 206 -16.51 -11.04 31.40
C LEU E 206 -16.53 -9.90 32.42
N LEU E 207 -17.71 -9.39 32.74
CA LEU E 207 -17.82 -8.26 33.65
C LEU E 207 -17.36 -8.58 35.07
N SER E 208 -17.23 -9.85 35.42
CA SER E 208 -17.08 -10.26 36.81
C SER E 208 -15.64 -10.50 37.24
N GLU E 209 -14.70 -10.67 36.30
CA GLU E 209 -13.31 -10.96 36.66
C GLU E 209 -12.67 -9.69 37.23
N GLU E 210 -13.00 -9.40 38.48
CA GLU E 210 -12.47 -8.22 39.14
C GLU E 210 -11.06 -8.47 39.67
N VAL E 211 -10.19 -7.48 39.47
CA VAL E 211 -8.76 -7.61 39.72
C VAL E 211 -8.47 -7.40 41.20
N GLU E 212 -7.36 -7.97 41.66
CA GLU E 212 -6.91 -7.75 43.03
C GLU E 212 -6.22 -6.40 43.14
N LEU E 213 -6.24 -5.84 44.35
CA LEU E 213 -5.66 -4.54 44.63
C LEU E 213 -4.60 -4.66 45.71
N SER E 214 -3.41 -4.14 45.42
CA SER E 214 -2.34 -4.03 46.40
C SER E 214 -1.75 -2.64 46.35
N SER E 215 -1.21 -2.19 47.47
CA SER E 215 -0.62 -0.85 47.54
C SER E 215 0.80 -0.89 46.99
N THR E 216 1.11 0.07 46.13
CA THR E 216 2.37 0.03 45.39
C THR E 216 3.53 0.36 46.31
N PRO E 217 4.52 -0.52 46.46
CA PRO E 217 5.66 -0.23 47.32
C PRO E 217 6.42 0.98 46.80
N PRO E 218 6.92 1.83 47.68
CA PRO E 218 7.56 3.06 47.23
C PRO E 218 8.88 2.81 46.53
N LEU E 219 9.21 3.69 45.59
CA LEU E 219 10.46 3.78 44.85
C LEU E 219 11.39 4.78 45.50
N PRO E 220 12.69 4.49 45.56
CA PRO E 220 13.62 5.43 46.17
C PRO E 220 13.62 6.76 45.44
N ALA E 221 13.76 7.84 46.22
CA ALA E 221 13.68 9.18 45.66
C ALA E 221 14.83 9.41 44.68
N SER E 222 14.57 10.28 43.71
CA SER E 222 15.51 10.55 42.64
C SER E 222 16.30 11.81 42.95
N ARG E 223 17.63 11.74 42.82
CA ARG E 223 18.46 12.93 43.02
C ARG E 223 18.16 13.97 41.96
N ILE E 224 17.77 13.55 40.76
CA ILE E 224 17.56 14.48 39.65
C ILE E 224 16.41 15.42 39.97
N LEU E 225 15.38 14.93 40.65
CA LEU E 225 14.26 15.79 41.03
C LEU E 225 14.68 16.85 42.04
N LYS E 226 15.44 16.44 43.08
CA LYS E 226 15.80 17.37 44.13
C LYS E 226 16.90 18.32 43.71
N GLU E 227 17.76 17.92 42.78
CA GLU E 227 18.85 18.79 42.32
C GLU E 227 18.37 19.66 41.15
N GLN E 243 8.41 20.32 38.72
CA GLN E 243 7.41 21.01 37.92
C GLN E 243 7.20 20.29 36.59
N SER E 244 6.75 19.04 36.66
CA SER E 244 6.52 18.24 35.46
C SER E 244 5.21 18.66 34.80
N PHE E 245 5.23 19.86 34.22
CA PHE E 245 4.00 20.39 33.64
C PHE E 245 3.78 19.91 32.22
N LEU E 246 4.83 19.50 31.51
CA LEU E 246 4.65 18.96 30.16
C LEU E 246 3.89 17.64 30.20
N TRP E 247 4.29 16.72 31.08
CA TRP E 247 3.56 15.46 31.20
C TRP E 247 2.17 15.70 31.76
N GLU E 248 2.08 16.41 32.89
CA GLU E 248 0.80 16.60 33.56
C GLU E 248 -0.14 17.48 32.76
N GLY E 249 0.34 18.12 31.70
CA GLY E 249 -0.58 18.76 30.76
C GLY E 249 -1.16 17.82 29.75
N SER E 250 -0.61 16.62 29.61
CA SER E 250 -1.15 15.67 28.65
C SER E 250 -2.54 15.18 29.05
N ALA E 251 -2.93 15.34 30.31
CA ALA E 251 -4.29 15.03 30.72
C ALA E 251 -5.31 15.99 30.12
N LEU E 252 -4.87 17.09 29.53
CA LEU E 252 -5.74 18.05 28.84
C LEU E 252 -6.91 18.47 29.72
N THR E 253 -6.72 18.43 31.04
CA THR E 253 -7.77 18.72 32.00
C THR E 253 -7.52 19.96 32.83
N GLY E 254 -6.31 20.52 32.79
CA GLY E 254 -6.01 21.72 33.56
C GLY E 254 -6.54 22.97 32.89
N ALA E 255 -6.23 24.11 33.51
CA ALA E 255 -6.64 25.38 32.95
C ALA E 255 -5.97 25.60 31.59
N TRP E 256 -4.64 25.72 31.58
CA TRP E 256 -3.84 25.76 30.36
C TRP E 256 -4.40 26.78 29.36
N ALA E 257 -4.28 28.05 29.75
CA ALA E 257 -4.69 29.15 28.87
C ALA E 257 -3.93 29.10 27.55
N MET E 258 -4.38 29.88 26.56
CA MET E 258 -3.88 29.71 25.19
C MET E 258 -2.37 29.89 25.11
N GLU E 259 -1.84 30.92 25.76
CA GLU E 259 -0.41 31.21 25.67
C GLU E 259 0.44 30.08 26.25
N ASP E 260 -0.15 29.17 27.02
CA ASP E 260 0.57 28.03 27.55
C ASP E 260 0.90 26.99 26.51
N PHE E 261 0.32 27.06 25.32
CA PHE E 261 0.60 26.11 24.26
C PHE E 261 1.73 26.56 23.33
N TYR E 262 2.46 27.60 23.71
CA TYR E 262 3.51 28.15 22.87
C TYR E 262 4.78 28.33 23.67
N THR E 263 5.91 28.27 22.99
CA THR E 263 7.23 28.45 23.60
C THR E 263 7.81 29.78 23.16
N ALA E 264 8.46 30.48 24.10
CA ALA E 264 8.88 31.85 23.85
C ALA E 264 9.98 31.92 22.78
N ARG E 265 10.92 31.00 22.80
CA ARG E 265 12.08 31.09 21.91
C ARG E 265 11.69 30.86 20.45
N LEU E 266 10.51 30.32 20.19
CA LEU E 266 10.09 29.97 18.84
C LEU E 266 9.35 31.11 18.14
N VAL E 267 9.29 32.29 18.76
CA VAL E 267 8.64 33.45 18.17
C VAL E 267 9.40 33.93 16.94
N ALA F 30 -9.35 -17.77 31.39
CA ALA F 30 -9.08 -16.56 32.16
C ALA F 30 -9.27 -15.31 31.30
N MET F 31 -10.50 -14.82 31.24
CA MET F 31 -10.85 -13.65 30.44
C MET F 31 -10.07 -12.42 30.92
N ALA F 32 -9.97 -11.44 30.03
CA ALA F 32 -9.17 -10.25 30.31
C ALA F 32 -9.91 -9.34 31.27
N PRO F 33 -9.32 -8.98 32.41
CA PRO F 33 -10.01 -8.08 33.34
C PRO F 33 -10.19 -6.70 32.73
N LEU F 34 -11.31 -6.08 33.07
CA LEU F 34 -11.69 -4.79 32.53
C LEU F 34 -11.28 -3.68 33.49
N LEU F 35 -10.65 -2.64 32.97
CA LEU F 35 -10.40 -1.46 33.76
C LEU F 35 -11.72 -0.87 34.23
N GLU F 36 -11.65 -0.01 35.25
CA GLU F 36 -12.88 0.50 35.86
C GLU F 36 -13.70 1.30 34.86
N TYR F 37 -13.05 2.09 34.01
CA TYR F 37 -13.78 2.93 33.07
C TYR F 37 -14.22 2.20 31.82
N GLU F 38 -13.77 0.96 31.60
CA GLU F 38 -14.08 0.29 30.34
C GLU F 38 -15.36 -0.51 30.39
N ARG F 39 -15.84 -0.87 31.58
CA ARG F 39 -17.06 -1.64 31.65
C ARG F 39 -18.24 -0.83 31.13
N GLN F 40 -18.31 0.45 31.49
CA GLN F 40 -19.41 1.29 31.00
C GLN F 40 -19.35 1.40 29.48
N LEU F 41 -18.16 1.62 28.93
CA LEU F 41 -17.99 1.70 27.49
C LEU F 41 -18.45 0.43 26.80
N VAL F 42 -18.01 -0.72 27.31
CA VAL F 42 -18.35 -1.99 26.68
C VAL F 42 -19.85 -2.22 26.74
N LEU F 43 -20.49 -1.92 27.87
CA LEU F 43 -21.93 -2.10 27.95
C LEU F 43 -22.67 -1.19 26.98
N GLU F 44 -22.23 0.07 26.87
CA GLU F 44 -22.87 0.97 25.92
C GLU F 44 -22.75 0.42 24.50
N LEU F 45 -21.56 -0.06 24.12
CA LEU F 45 -21.38 -0.49 22.75
C LEU F 45 -22.09 -1.81 22.46
N LEU F 46 -22.20 -2.69 23.45
CA LEU F 46 -22.91 -3.94 23.27
C LEU F 46 -24.42 -3.74 23.26
N ASP F 47 -24.93 -2.68 23.87
CA ASP F 47 -26.36 -2.42 23.79
C ASP F 47 -26.78 -2.09 22.36
N THR F 48 -26.11 -1.13 21.73
CA THR F 48 -26.48 -0.65 20.40
C THR F 48 -25.23 -0.43 19.57
N ASP F 49 -25.39 -0.52 18.25
CA ASP F 49 -24.27 -0.30 17.34
C ASP F 49 -23.83 1.15 17.37
N GLY F 50 -22.54 1.38 17.13
CA GLY F 50 -22.06 2.74 17.12
C GLY F 50 -20.59 2.82 16.79
N LEU F 51 -20.10 4.05 16.85
CA LEU F 51 -18.73 4.41 16.55
C LEU F 51 -18.09 4.95 17.83
N VAL F 52 -16.96 4.38 18.22
CA VAL F 52 -16.28 4.73 19.46
C VAL F 52 -15.01 5.49 19.10
N VAL F 53 -14.84 6.68 19.66
CA VAL F 53 -13.68 7.52 19.41
C VAL F 53 -12.94 7.71 20.72
N CYS F 54 -11.74 7.15 20.82
CA CYS F 54 -10.92 7.30 22.01
C CYS F 54 -9.92 8.43 21.83
N ALA F 55 -9.36 8.88 22.94
CA ALA F 55 -8.22 9.78 22.89
C ALA F 55 -7.00 9.01 22.40
N ARG F 56 -6.05 9.74 21.84
CA ARG F 56 -4.90 9.11 21.20
C ARG F 56 -4.17 8.22 22.18
N GLY F 57 -3.89 6.99 21.76
CA GLY F 57 -3.10 6.08 22.55
C GLY F 57 -3.82 5.43 23.70
N LEU F 58 -5.10 5.70 23.88
CA LEU F 58 -5.83 5.17 25.03
C LEU F 58 -6.39 3.79 24.76
N GLY F 59 -5.55 2.89 24.27
CA GLY F 59 -5.93 1.50 24.13
C GLY F 59 -7.14 1.20 23.25
N ALA F 60 -7.02 1.41 21.94
CA ALA F 60 -8.04 0.88 21.04
C ALA F 60 -7.87 -0.61 20.82
N ASP F 61 -6.63 -1.10 20.84
CA ASP F 61 -6.40 -2.53 20.67
C ASP F 61 -6.99 -3.32 21.83
N ARG F 62 -7.04 -2.74 23.03
CA ARG F 62 -7.64 -3.43 24.16
C ARG F 62 -9.12 -3.68 23.92
N LEU F 63 -9.85 -2.67 23.43
CA LEU F 63 -11.27 -2.87 23.15
C LEU F 63 -11.48 -3.86 22.02
N LEU F 64 -10.71 -3.72 20.93
CA LEU F 64 -10.85 -4.67 19.84
C LEU F 64 -10.62 -6.09 20.33
N TYR F 65 -9.62 -6.29 21.19
CA TYR F 65 -9.33 -7.62 21.68
C TYR F 65 -10.41 -8.11 22.64
N HIS F 66 -11.03 -7.22 23.40
CA HIS F 66 -12.12 -7.65 24.26
C HIS F 66 -13.25 -8.21 23.43
N PHE F 67 -13.60 -7.54 22.35
CA PHE F 67 -14.64 -8.09 21.49
C PHE F 67 -14.21 -9.38 20.81
N LEU F 68 -12.94 -9.46 20.39
CA LEU F 68 -12.46 -10.68 19.74
C LEU F 68 -12.58 -11.87 20.67
N GLN F 69 -12.18 -11.71 21.93
CA GLN F 69 -12.32 -12.79 22.89
C GLN F 69 -13.79 -13.06 23.21
N LEU F 70 -14.63 -12.04 23.11
CA LEU F 70 -16.05 -12.23 23.36
C LEU F 70 -16.72 -13.08 22.27
N HIS F 71 -16.21 -13.04 21.04
CA HIS F 71 -16.92 -13.65 19.92
C HIS F 71 -16.15 -14.81 19.28
N CYS F 72 -15.57 -15.70 20.09
CA CYS F 72 -14.76 -16.81 19.59
C CYS F 72 -15.49 -18.14 19.63
N HIS F 73 -16.77 -18.16 19.30
CA HIS F 73 -17.56 -19.38 19.32
C HIS F 73 -17.85 -19.86 17.89
N PRO F 74 -18.02 -21.16 17.68
CA PRO F 74 -18.33 -21.65 16.32
C PRO F 74 -19.79 -21.53 15.93
N ALA F 75 -20.63 -20.90 16.75
CA ALA F 75 -22.02 -20.67 16.40
C ALA F 75 -22.26 -19.24 15.94
N CYS F 76 -21.21 -18.49 15.65
CA CYS F 76 -21.34 -17.11 15.21
C CYS F 76 -20.02 -16.68 14.59
N LEU F 77 -20.07 -16.10 13.40
CA LEU F 77 -18.87 -15.61 12.75
C LEU F 77 -18.95 -14.10 12.60
N VAL F 78 -17.82 -13.44 12.88
CA VAL F 78 -17.68 -12.00 12.73
C VAL F 78 -16.42 -11.76 11.89
N LEU F 79 -16.36 -10.59 11.27
CA LEU F 79 -15.23 -10.24 10.42
C LEU F 79 -14.60 -8.94 10.90
N VAL F 80 -13.27 -8.88 10.88
CA VAL F 80 -12.51 -7.71 11.30
C VAL F 80 -11.79 -7.14 10.07
N LEU F 81 -11.85 -5.83 9.89
CA LEU F 81 -11.56 -5.26 8.58
C LEU F 81 -10.17 -4.66 8.39
N ASN F 82 -9.81 -3.64 9.17
CA ASN F 82 -8.54 -2.92 8.92
C ASN F 82 -7.50 -3.33 9.96
N THR F 83 -6.74 -4.37 9.65
CA THR F 83 -5.73 -4.84 10.59
C THR F 83 -4.45 -5.19 9.86
N GLN F 84 -3.32 -4.83 10.44
CA GLN F 84 -2.03 -5.20 9.90
C GLN F 84 -1.67 -6.62 10.34
N PRO F 85 -0.78 -7.30 9.60
CA PRO F 85 -0.43 -8.68 9.97
C PRO F 85 0.15 -8.81 11.37
N ALA F 86 0.95 -7.84 11.81
CA ALA F 86 1.54 -7.92 13.14
C ALA F 86 0.47 -7.91 14.22
N GLU F 87 -0.53 -7.04 14.09
CA GLU F 87 -1.63 -7.01 15.05
C GLU F 87 -2.42 -8.31 15.04
N GLU F 88 -2.68 -8.86 13.86
CA GLU F 88 -3.40 -10.13 13.77
C GLU F 88 -2.65 -11.23 14.52
N GLU F 89 -1.35 -11.35 14.25
CA GLU F 89 -0.58 -12.39 14.90
C GLU F 89 -0.52 -12.18 16.40
N TYR F 90 -0.41 -10.94 16.84
CA TYR F 90 -0.36 -10.67 18.28
C TYR F 90 -1.67 -11.06 18.94
N PHE F 91 -2.81 -10.70 18.34
CA PHE F 91 -4.09 -11.05 18.93
C PHE F 91 -4.27 -12.56 18.99
N ILE F 92 -3.92 -13.26 17.91
CA ILE F 92 -4.09 -14.70 17.85
C ILE F 92 -3.24 -15.37 18.93
N ASN F 93 -1.97 -14.97 19.06
CA ASN F 93 -1.12 -15.60 20.06
C ASN F 93 -1.54 -15.24 21.47
N GLN F 94 -2.03 -14.01 21.70
CA GLN F 94 -2.48 -13.67 23.04
C GLN F 94 -3.68 -14.50 23.45
N LEU F 95 -4.63 -14.68 22.54
CA LEU F 95 -5.76 -15.55 22.84
C LEU F 95 -5.28 -16.98 23.07
N LYS F 96 -4.29 -17.43 22.31
CA LYS F 96 -3.79 -18.79 22.48
C LYS F 96 -3.16 -18.98 23.85
N ILE F 97 -2.38 -18.00 24.31
CA ILE F 97 -1.78 -18.09 25.65
C ILE F 97 -2.85 -18.05 26.71
N GLU F 98 -3.91 -17.27 26.47
CA GLU F 98 -4.97 -17.13 27.45
C GLU F 98 -5.70 -18.44 27.72
N GLY F 99 -5.55 -19.43 26.86
CA GLY F 99 -6.25 -20.68 27.04
C GLY F 99 -7.65 -20.62 26.46
N VAL F 100 -7.76 -20.26 25.19
CA VAL F 100 -9.04 -20.25 24.50
C VAL F 100 -9.01 -21.35 23.46
N GLU F 101 -10.19 -21.75 23.01
CA GLU F 101 -10.35 -22.74 21.97
C GLU F 101 -11.00 -22.10 20.75
N HIS F 102 -10.67 -22.63 19.57
CA HIS F 102 -11.15 -22.10 18.29
C HIS F 102 -10.65 -20.66 18.08
N LEU F 103 -9.33 -20.57 17.90
CA LEU F 103 -8.69 -19.30 17.63
C LEU F 103 -9.16 -18.73 16.29
N PRO F 104 -9.00 -17.42 16.10
CA PRO F 104 -9.36 -16.82 14.80
C PRO F 104 -8.43 -17.25 13.70
N ARG F 105 -8.91 -17.12 12.46
CA ARG F 105 -8.16 -17.51 11.28
C ARG F 105 -7.89 -16.31 10.39
N ARG F 106 -6.79 -16.38 9.65
CA ARG F 106 -6.47 -15.41 8.61
C ARG F 106 -6.73 -16.04 7.25
N VAL F 107 -7.45 -15.33 6.40
CA VAL F 107 -7.80 -15.82 5.06
C VAL F 107 -7.01 -15.01 4.05
N THR F 108 -6.23 -15.70 3.23
CA THR F 108 -5.34 -15.07 2.26
C THR F 108 -5.37 -15.89 0.98
N ASN F 109 -4.40 -15.67 0.10
CA ASN F 109 -4.32 -16.45 -1.13
C ASN F 109 -4.01 -17.91 -0.87
N GLU F 110 -3.51 -18.25 0.31
CA GLU F 110 -3.14 -19.64 0.59
C GLU F 110 -4.33 -20.57 0.47
N ILE F 111 -5.49 -20.16 0.99
CA ILE F 111 -6.69 -20.97 0.91
C ILE F 111 -7.43 -20.55 -0.35
N THR F 112 -7.45 -21.44 -1.35
CA THR F 112 -8.02 -21.10 -2.65
C THR F 112 -9.54 -21.06 -2.58
N SER F 113 -10.14 -20.54 -3.65
CA SER F 113 -11.58 -20.28 -3.66
C SER F 113 -12.38 -21.54 -3.36
N ASN F 114 -12.10 -22.62 -4.08
CA ASN F 114 -12.86 -23.85 -3.89
C ASN F 114 -12.76 -24.36 -2.46
N SER F 115 -11.68 -24.03 -1.77
CA SER F 115 -11.47 -24.46 -0.40
C SER F 115 -11.80 -23.39 0.63
N ARG F 116 -12.20 -22.19 0.20
CA ARG F 116 -12.43 -21.13 1.18
C ARG F 116 -13.76 -21.29 1.91
N TYR F 117 -14.79 -21.77 1.21
CA TYR F 117 -16.12 -21.84 1.80
C TYR F 117 -16.12 -22.57 3.14
N GLU F 118 -15.36 -23.65 3.25
CA GLU F 118 -15.33 -24.41 4.49
C GLU F 118 -14.92 -23.53 5.66
N VAL F 119 -13.85 -22.75 5.51
CA VAL F 119 -13.41 -21.95 6.64
C VAL F 119 -14.40 -20.86 6.96
N TYR F 120 -15.29 -20.51 6.03
CA TYR F 120 -16.35 -19.57 6.33
C TYR F 120 -17.46 -20.20 7.15
N THR F 121 -17.71 -21.48 6.95
CA THR F 121 -18.81 -22.14 7.64
C THR F 121 -18.43 -22.69 9.01
N GLN F 122 -17.13 -22.66 9.35
CA GLN F 122 -16.72 -23.11 10.67
C GLN F 122 -17.23 -22.16 11.75
N GLY F 123 -17.15 -20.85 11.51
CA GLY F 123 -17.51 -19.86 12.50
C GLY F 123 -16.29 -19.22 13.13
N GLY F 124 -16.54 -18.29 14.02
CA GLY F 124 -15.47 -17.60 14.70
C GLY F 124 -15.03 -16.35 13.98
N VAL F 125 -13.98 -15.74 14.51
CA VAL F 125 -13.46 -14.48 14.00
C VAL F 125 -12.57 -14.76 12.80
N ILE F 126 -12.77 -14.01 11.71
CA ILE F 126 -12.07 -14.23 10.45
C ILE F 126 -11.35 -12.94 10.07
N PHE F 127 -10.03 -13.03 9.88
CA PHE F 127 -9.21 -11.89 9.44
C PHE F 127 -8.96 -12.03 7.94
N ALA F 128 -9.97 -11.71 7.14
CA ALA F 128 -9.83 -11.75 5.69
C ALA F 128 -9.37 -10.40 5.17
N THR F 129 -8.67 -10.41 4.04
CA THR F 129 -8.25 -9.17 3.39
C THR F 129 -9.44 -8.56 2.67
N SER F 130 -9.19 -7.55 1.85
CA SER F 130 -10.30 -6.84 1.21
C SER F 130 -10.61 -7.34 -0.19
N ARG F 131 -9.59 -7.67 -0.99
CA ARG F 131 -9.85 -8.21 -2.32
C ARG F 131 -10.62 -9.51 -2.23
N ILE F 132 -10.17 -10.41 -1.35
CA ILE F 132 -10.85 -11.68 -1.15
C ILE F 132 -12.29 -11.45 -0.75
N LEU F 133 -12.53 -10.48 0.13
CA LEU F 133 -13.87 -10.29 0.65
C LEU F 133 -14.80 -9.68 -0.38
N VAL F 134 -14.34 -8.71 -1.17
CA VAL F 134 -15.22 -8.14 -2.19
C VAL F 134 -15.56 -9.20 -3.23
N VAL F 135 -14.58 -10.00 -3.64
CA VAL F 135 -14.85 -11.05 -4.62
C VAL F 135 -15.84 -12.05 -4.07
N ASP F 136 -15.63 -12.51 -2.83
CA ASP F 136 -16.48 -13.54 -2.24
C ASP F 136 -17.88 -13.02 -1.95
N PHE F 137 -18.02 -11.73 -1.63
CA PHE F 137 -19.35 -11.18 -1.43
C PHE F 137 -20.09 -11.04 -2.76
N LEU F 138 -19.40 -10.59 -3.81
CA LEU F 138 -20.09 -10.39 -5.08
C LEU F 138 -20.43 -11.70 -5.76
N THR F 139 -19.57 -12.71 -5.65
CA THR F 139 -19.82 -14.00 -6.29
C THR F 139 -20.63 -14.94 -5.42
N ASP F 140 -21.07 -14.47 -4.24
CA ASP F 140 -21.95 -15.21 -3.34
C ASP F 140 -21.34 -16.51 -2.84
N ARG F 141 -20.02 -16.54 -2.72
CA ARG F 141 -19.31 -17.67 -2.11
C ARG F 141 -19.08 -17.45 -0.64
N ILE F 142 -20.12 -17.09 0.11
CA ILE F 142 -19.97 -16.76 1.52
C ILE F 142 -21.33 -16.91 2.19
N PRO F 143 -21.41 -17.50 3.38
CA PRO F 143 -22.71 -17.65 4.03
C PRO F 143 -23.25 -16.32 4.52
N SER F 144 -23.57 -15.44 3.58
CA SER F 144 -23.90 -14.05 3.89
C SER F 144 -25.18 -13.90 4.70
N ASP F 145 -25.97 -14.96 4.83
CA ASP F 145 -27.12 -14.92 5.73
C ASP F 145 -26.80 -15.44 7.12
N LEU F 146 -25.60 -15.99 7.32
CA LEU F 146 -25.18 -16.47 8.63
C LEU F 146 -24.19 -15.55 9.31
N ILE F 147 -23.68 -14.53 8.62
CA ILE F 147 -22.81 -13.55 9.26
C ILE F 147 -23.57 -12.86 10.36
N THR F 148 -22.95 -12.75 11.54
CA THR F 148 -23.63 -12.11 12.65
C THR F 148 -23.23 -10.66 12.85
N GLY F 149 -22.05 -10.26 12.42
CA GLY F 149 -21.66 -8.87 12.62
C GLY F 149 -20.28 -8.60 12.09
N ILE F 150 -19.89 -7.33 12.15
CA ILE F 150 -18.61 -6.86 11.66
C ILE F 150 -18.01 -5.90 12.68
N LEU F 151 -16.69 -5.99 12.85
CA LEU F 151 -15.91 -5.09 13.68
C LEU F 151 -14.95 -4.34 12.77
N VAL F 152 -15.01 -3.02 12.80
CA VAL F 152 -14.18 -2.18 11.94
C VAL F 152 -13.13 -1.53 12.82
N TYR F 153 -11.87 -1.69 12.44
CA TYR F 153 -10.74 -1.03 13.05
C TYR F 153 -10.37 0.19 12.22
N ARG F 154 -9.94 1.25 12.89
CA ARG F 154 -9.58 2.50 12.24
C ARG F 154 -10.74 3.01 11.39
N ALA F 155 -11.86 3.29 12.05
CA ALA F 155 -13.05 3.69 11.32
C ALA F 155 -12.92 5.05 10.66
N HIS F 156 -11.94 5.85 11.05
CA HIS F 156 -11.74 7.13 10.39
C HIS F 156 -11.19 6.97 8.98
N ARG F 157 -10.71 5.78 8.63
CA ARG F 157 -10.27 5.48 7.27
C ARG F 157 -11.40 5.04 6.36
N ILE F 158 -12.59 4.79 6.90
CA ILE F 158 -13.70 4.24 6.10
C ILE F 158 -14.41 5.43 5.50
N ILE F 159 -13.86 5.93 4.41
CA ILE F 159 -14.47 7.00 3.64
C ILE F 159 -15.13 6.37 2.43
N GLU F 160 -16.08 7.09 1.85
CA GLU F 160 -16.65 6.67 0.58
C GLU F 160 -15.52 6.55 -0.45
N SER F 161 -15.71 5.66 -1.42
CA SER F 161 -14.67 5.32 -2.40
C SER F 161 -13.50 4.60 -1.74
N CYS F 162 -13.82 3.56 -0.98
CA CYS F 162 -12.83 2.69 -0.37
C CYS F 162 -13.34 1.25 -0.50
N GLN F 163 -12.42 0.30 -0.45
CA GLN F 163 -12.82 -1.10 -0.54
C GLN F 163 -13.70 -1.51 0.63
N GLU F 164 -13.36 -1.05 1.84
CA GLU F 164 -14.10 -1.44 3.02
C GLU F 164 -15.49 -0.85 3.03
N ALA F 165 -15.65 0.37 2.49
CA ALA F 165 -17.00 0.92 2.33
C ALA F 165 -17.82 0.05 1.41
N PHE F 166 -17.19 -0.47 0.35
CA PHE F 166 -17.89 -1.39 -0.56
C PHE F 166 -18.30 -2.66 0.16
N ILE F 167 -17.41 -3.22 0.98
CA ILE F 167 -17.75 -4.44 1.69
C ILE F 167 -18.92 -4.20 2.63
N LEU F 168 -18.90 -3.08 3.35
CA LEU F 168 -20.02 -2.75 4.22
C LEU F 168 -21.32 -2.61 3.43
N ARG F 169 -21.26 -1.95 2.27
CA ARG F 169 -22.47 -1.78 1.47
C ARG F 169 -23.04 -3.12 1.05
N LEU F 170 -22.18 -4.03 0.59
CA LEU F 170 -22.65 -5.35 0.16
C LEU F 170 -23.26 -6.12 1.33
N PHE F 171 -22.55 -6.15 2.46
CA PHE F 171 -23.03 -6.91 3.61
C PHE F 171 -24.38 -6.39 4.08
N ARG F 172 -24.53 -5.08 4.17
CA ARG F 172 -25.80 -4.53 4.63
C ARG F 172 -26.90 -4.74 3.60
N GLN F 173 -26.56 -4.77 2.32
CA GLN F 173 -27.59 -5.05 1.32
C GLN F 173 -28.09 -6.47 1.45
N LYS F 174 -27.22 -7.41 1.78
CA LYS F 174 -27.67 -8.80 1.91
C LYS F 174 -28.24 -9.11 3.29
N ASN F 175 -27.53 -8.75 4.37
CA ASN F 175 -27.84 -9.29 5.70
C ASN F 175 -28.92 -8.52 6.43
N LYS F 176 -28.65 -7.25 6.74
CA LYS F 176 -29.59 -6.36 7.41
C LYS F 176 -30.00 -6.85 8.80
N ARG F 177 -29.24 -7.77 9.41
CA ARG F 177 -29.62 -8.24 10.74
C ARG F 177 -28.44 -8.26 11.71
N GLY F 178 -27.22 -8.41 11.19
CA GLY F 178 -26.04 -8.44 12.03
C GLY F 178 -25.69 -7.07 12.56
N PHE F 179 -24.62 -7.02 13.34
CA PHE F 179 -24.21 -5.78 13.98
C PHE F 179 -22.99 -5.20 13.28
N ILE F 180 -22.74 -3.91 13.52
CA ILE F 180 -21.55 -3.24 13.00
C ILE F 180 -21.01 -2.35 14.10
N LYS F 181 -19.82 -2.64 14.60
CA LYS F 181 -19.21 -1.85 15.65
C LYS F 181 -17.92 -1.25 15.13
N ALA F 182 -17.76 0.07 15.26
CA ALA F 182 -16.58 0.74 14.71
C ALA F 182 -15.76 1.34 15.83
N PHE F 183 -14.44 1.14 15.77
CA PHE F 183 -13.52 1.71 16.75
C PHE F 183 -12.54 2.65 16.08
N THR F 184 -12.06 3.65 16.83
CA THR F 184 -10.99 4.49 16.31
C THR F 184 -10.31 5.26 17.42
N ASP F 185 -8.98 5.35 17.33
CA ASP F 185 -8.19 6.38 17.98
C ASP F 185 -8.32 7.63 17.13
N ASN F 186 -7.44 8.61 17.34
CA ASN F 186 -7.20 9.64 16.34
C ASN F 186 -8.47 10.45 16.07
N ALA F 187 -8.92 11.17 17.09
CA ALA F 187 -9.99 12.12 16.88
C ALA F 187 -9.55 13.31 16.05
N VAL F 188 -8.25 13.46 15.78
CA VAL F 188 -7.78 14.56 14.95
C VAL F 188 -8.16 14.33 13.49
N ALA F 189 -8.19 13.07 13.04
CA ALA F 189 -8.40 12.81 11.62
C ALA F 189 -9.79 13.25 11.16
N PHE F 190 -10.72 13.43 12.09
CA PHE F 190 -12.00 14.04 11.74
C PHE F 190 -11.92 15.56 11.70
N ASP F 191 -10.86 16.16 12.26
CA ASP F 191 -10.78 17.61 12.36
C ASP F 191 -10.37 18.27 11.06
N THR F 192 -9.68 17.56 10.18
CA THR F 192 -9.31 18.14 8.89
C THR F 192 -10.55 18.37 8.04
N GLY F 193 -10.48 19.39 7.20
CA GLY F 193 -11.63 19.81 6.39
C GLY F 193 -12.08 18.79 5.35
N PHE F 194 -11.35 17.69 5.21
CA PHE F 194 -11.69 16.71 4.18
C PHE F 194 -12.74 15.72 4.68
N CYS F 195 -12.48 15.07 5.81
CA CYS F 195 -13.36 14.01 6.32
C CYS F 195 -14.30 14.59 7.36
N HIS F 196 -15.52 14.04 7.40
CA HIS F 196 -16.57 14.53 8.27
C HIS F 196 -17.08 13.38 9.12
N VAL F 197 -17.39 13.65 10.39
CA VAL F 197 -17.77 12.57 11.28
C VAL F 197 -19.14 12.02 10.92
N GLU F 198 -20.06 12.89 10.51
CA GLU F 198 -21.39 12.40 10.14
C GLU F 198 -21.34 11.61 8.85
N ARG F 199 -20.54 12.05 7.89
CA ARG F 199 -20.41 11.33 6.63
C ARG F 199 -19.86 9.93 6.87
N VAL F 200 -18.84 9.81 7.72
CA VAL F 200 -18.29 8.49 8.03
C VAL F 200 -19.31 7.65 8.79
N MET F 201 -20.01 8.26 9.74
CA MET F 201 -21.00 7.51 10.50
C MET F 201 -22.14 7.03 9.61
N ARG F 202 -22.41 7.72 8.51
CA ARG F 202 -23.36 7.20 7.55
C ARG F 202 -22.74 6.10 6.69
N ASN F 203 -21.46 6.26 6.36
CA ASN F 203 -20.76 5.23 5.58
C ASN F 203 -20.70 3.91 6.32
N LEU F 204 -20.76 3.94 7.64
CA LEU F 204 -20.65 2.75 8.47
C LEU F 204 -22.01 2.19 8.90
N PHE F 205 -23.12 2.84 8.54
CA PHE F 205 -24.47 2.33 8.81
C PHE F 205 -24.76 2.20 10.30
N VAL F 206 -24.09 2.98 11.16
CA VAL F 206 -24.19 2.78 12.59
C VAL F 206 -25.17 3.75 13.25
N ARG F 207 -25.10 5.05 12.95
CA ARG F 207 -26.03 6.06 13.45
C ARG F 207 -26.01 6.26 14.97
N LYS F 208 -24.82 6.29 15.59
CA LYS F 208 -24.70 6.60 17.01
C LYS F 208 -23.23 6.82 17.34
N LEU F 209 -22.93 7.89 18.06
CA LEU F 209 -21.55 8.31 18.29
C LEU F 209 -21.25 8.31 19.79
N TYR F 210 -20.16 7.62 20.17
CA TYR F 210 -19.71 7.53 21.55
C TYR F 210 -18.32 8.12 21.66
N LEU F 211 -18.14 9.10 22.56
CA LEU F 211 -16.89 9.84 22.70
C LEU F 211 -16.30 9.59 24.07
N TRP F 212 -15.04 9.18 24.11
CA TRP F 212 -14.34 8.88 25.37
C TRP F 212 -12.99 9.56 25.41
N PRO F 213 -12.95 10.88 25.55
CA PRO F 213 -11.69 11.60 25.55
C PRO F 213 -10.88 11.34 26.82
N ARG F 214 -9.67 11.92 26.89
CA ARG F 214 -8.85 11.74 28.08
C ARG F 214 -9.35 12.56 29.26
N PHE F 215 -9.99 13.69 29.00
CA PHE F 215 -10.52 14.51 30.08
C PHE F 215 -11.94 14.12 30.48
N HIS F 216 -12.45 13.01 29.96
CA HIS F 216 -13.71 12.47 30.42
C HIS F 216 -13.62 12.16 31.90
N VAL F 217 -14.73 12.33 32.62
CA VAL F 217 -14.68 12.28 34.08
C VAL F 217 -14.28 10.90 34.56
N ALA F 218 -14.85 9.84 33.98
CA ALA F 218 -14.56 8.49 34.45
C ALA F 218 -13.10 8.12 34.21
N VAL F 219 -12.60 8.36 33.00
CA VAL F 219 -11.24 7.96 32.68
C VAL F 219 -10.24 8.74 33.51
N ASN F 220 -10.42 10.06 33.63
CA ASN F 220 -9.48 10.85 34.41
C ASN F 220 -9.53 10.47 35.88
N SER F 221 -10.73 10.23 36.42
CA SER F 221 -10.83 9.83 37.81
C SER F 221 -10.14 8.51 38.06
N PHE F 222 -10.30 7.54 37.18
CA PHE F 222 -9.65 6.25 37.37
C PHE F 222 -8.14 6.36 37.20
N LEU F 223 -7.69 7.15 36.23
CA LEU F 223 -6.26 7.23 35.95
C LEU F 223 -5.51 8.04 37.00
N GLU F 224 -6.15 9.02 37.64
CA GLU F 224 -5.43 9.85 38.60
C GLU F 224 -5.10 9.13 39.89
N GLN F 225 -5.60 7.91 40.11
CA GLN F 225 -5.26 7.15 41.30
C GLN F 225 -4.08 6.21 41.09
N HIS F 226 -3.72 5.90 39.85
CA HIS F 226 -2.64 4.98 39.52
C HIS F 226 -1.57 5.69 38.73
N LYS F 227 -1.20 6.89 39.14
CA LYS F 227 -0.22 7.65 38.39
C LYS F 227 1.16 7.01 38.52
N PRO F 228 1.96 7.03 37.46
CA PRO F 228 3.35 6.61 37.58
C PRO F 228 4.22 7.76 38.07
N GLU F 229 5.31 7.40 38.74
CA GLU F 229 6.28 8.42 39.15
C GLU F 229 7.05 8.85 37.92
N VAL F 230 6.96 10.13 37.58
CA VAL F 230 7.55 10.65 36.36
C VAL F 230 8.42 11.86 36.70
N VAL F 231 9.63 11.88 36.14
CA VAL F 231 10.50 13.06 36.20
C VAL F 231 10.86 13.47 34.79
N GLU F 232 10.59 14.72 34.45
CA GLU F 232 10.88 15.22 33.12
C GLU F 232 12.04 16.21 33.18
N ILE F 233 13.03 15.98 32.33
CA ILE F 233 14.23 16.79 32.26
C ILE F 233 14.16 17.64 31.00
N HIS F 234 14.43 18.93 31.15
CA HIS F 234 14.61 19.83 30.03
C HIS F 234 16.11 20.12 29.92
N VAL F 235 16.69 19.75 28.79
CA VAL F 235 18.12 19.95 28.54
C VAL F 235 18.26 21.14 27.61
N SER F 236 19.19 22.04 27.94
CA SER F 236 19.39 23.24 27.17
C SER F 236 20.47 23.02 26.12
N MET F 237 20.20 23.51 24.91
CA MET F 237 21.09 23.34 23.78
C MET F 237 22.23 24.35 23.82
N THR F 238 23.37 23.93 23.26
CA THR F 238 24.55 24.78 23.25
C THR F 238 24.32 26.01 22.39
N PRO F 239 25.06 27.10 22.63
CA PRO F 239 24.83 28.34 21.87
C PRO F 239 24.91 28.18 20.37
N THR F 240 25.82 27.35 19.87
CA THR F 240 25.90 27.15 18.43
C THR F 240 24.67 26.41 17.92
N MET F 241 24.14 25.47 18.70
CA MET F 241 22.92 24.79 18.29
C MET F 241 21.75 25.77 18.23
N LEU F 242 21.65 26.65 19.22
CA LEU F 242 20.66 27.73 19.19
C LEU F 242 20.83 28.59 17.94
N ALA F 243 22.07 28.94 17.61
CA ALA F 243 22.31 29.79 16.45
C ALA F 243 21.88 29.11 15.16
N ILE F 244 22.26 27.85 14.99
CA ILE F 244 21.88 27.13 13.78
C ILE F 244 20.37 27.00 13.68
N GLN F 245 19.72 26.71 14.81
CA GLN F 245 18.26 26.58 14.79
C GLN F 245 17.58 27.89 14.41
N THR F 246 18.06 29.01 14.97
CA THR F 246 17.45 30.29 14.62
C THR F 246 17.68 30.64 13.15
N ALA F 247 18.88 30.38 12.63
CA ALA F 247 19.13 30.64 11.22
C ALA F 247 18.21 29.81 10.34
N ILE F 248 18.06 28.53 10.66
CA ILE F 248 17.21 27.66 9.86
C ILE F 248 15.77 28.14 9.92
N LEU F 249 15.30 28.50 11.11
CA LEU F 249 13.91 28.94 11.24
C LEU F 249 13.65 30.22 10.48
N ASP F 250 14.60 31.17 10.50
CA ASP F 250 14.39 32.41 9.77
C ASP F 250 14.39 32.18 8.26
N ILE F 251 15.30 31.32 7.77
CA ILE F 251 15.27 30.96 6.35
C ILE F 251 13.93 30.37 5.99
N LEU F 252 13.44 29.43 6.81
CA LEU F 252 12.17 28.76 6.52
C LEU F 252 11.02 29.73 6.55
N ASN F 253 11.03 30.67 7.50
CA ASN F 253 9.98 31.68 7.58
C ASN F 253 9.94 32.53 6.32
N ALA F 254 11.10 32.98 5.85
CA ALA F 254 11.15 33.78 4.62
C ALA F 254 10.64 32.98 3.44
N CYS F 255 11.06 31.72 3.31
CA CYS F 255 10.63 30.91 2.18
C CYS F 255 9.12 30.70 2.20
N LEU F 256 8.55 30.46 3.39
CA LEU F 256 7.10 30.30 3.47
C LEU F 256 6.39 31.58 3.09
N LYS F 257 6.92 32.74 3.52
CA LYS F 257 6.32 34.01 3.14
C LYS F 257 6.30 34.17 1.63
N GLU F 258 7.42 33.86 0.97
CA GLU F 258 7.48 33.99 -0.48
C GLU F 258 6.49 33.06 -1.17
N LEU F 259 6.46 31.80 -0.74
CA LEU F 259 5.56 30.82 -1.35
C LEU F 259 4.10 31.24 -1.19
N LYS F 260 3.73 31.75 -0.02
CA LYS F 260 2.37 32.24 0.16
C LYS F 260 2.09 33.45 -0.71
N CYS F 261 3.05 34.38 -0.79
CA CYS F 261 2.83 35.61 -1.54
C CYS F 261 2.58 35.33 -3.02
N HIS F 262 3.34 34.39 -3.59
CA HIS F 262 3.16 34.09 -5.02
C HIS F 262 1.73 33.61 -5.31
N ASN F 263 1.20 32.74 -4.47
CA ASN F 263 -0.11 32.12 -4.71
C ASN F 263 -1.07 32.49 -3.60
N PRO F 264 -2.08 33.32 -3.87
CA PRO F 264 -2.91 33.84 -2.79
C PRO F 264 -3.99 32.89 -2.29
N SER F 265 -4.24 31.78 -2.99
CA SER F 265 -5.19 30.80 -2.46
C SER F 265 -4.62 30.08 -1.25
N LEU F 266 -3.30 29.86 -1.23
CA LEU F 266 -2.64 29.16 -0.14
C LEU F 266 -2.46 30.08 1.07
N GLU F 267 -3.60 30.55 1.59
CA GLU F 267 -3.60 31.47 2.73
C GLU F 267 -4.33 30.90 3.94
N VAL F 268 -4.82 29.66 3.87
CA VAL F 268 -5.46 29.05 5.01
C VAL F 268 -4.42 28.76 6.10
N GLU F 269 -4.87 28.80 7.35
CA GLU F 269 -3.98 28.75 8.51
C GLU F 269 -3.23 27.43 8.65
N ASP F 270 -3.63 26.38 7.92
CA ASP F 270 -2.95 25.10 8.07
C ASP F 270 -1.48 25.18 7.71
N LEU F 271 -1.10 26.13 6.85
CA LEU F 271 0.28 26.29 6.43
C LEU F 271 0.96 27.47 7.12
N SER F 272 0.69 27.67 8.40
CA SER F 272 1.42 28.67 9.15
C SER F 272 2.87 28.21 9.36
N LEU F 273 3.65 29.02 10.06
CA LEU F 273 5.02 28.61 10.36
C LEU F 273 5.04 27.48 11.38
N GLU F 274 4.29 27.64 12.47
CA GLU F 274 4.33 26.63 13.53
C GLU F 274 3.61 25.35 13.12
N ASN F 275 2.90 25.35 12.00
CA ASN F 275 2.34 24.12 11.47
C ASN F 275 3.22 23.53 10.37
N ALA F 276 4.27 24.22 9.97
CA ALA F 276 5.16 23.74 8.92
C ALA F 276 6.48 23.20 9.46
N ILE F 277 6.57 22.99 10.77
CA ILE F 277 7.73 22.32 11.34
C ILE F 277 7.44 20.89 11.73
N GLY F 278 6.26 20.39 11.42
CA GLY F 278 5.88 19.06 11.84
C GLY F 278 6.08 18.01 10.77
N LYS F 279 6.08 16.76 11.20
CA LYS F 279 6.10 15.64 10.25
C LYS F 279 4.88 15.63 9.33
N PRO F 280 3.64 15.82 9.81
CA PRO F 280 2.50 15.67 8.91
C PRO F 280 2.32 16.81 7.92
N PHE F 281 3.23 17.79 7.94
CA PHE F 281 3.08 18.91 7.03
C PHE F 281 3.27 18.48 5.58
N ASP F 282 4.17 17.55 5.31
CA ASP F 282 4.43 17.18 3.92
C ASP F 282 3.14 16.82 3.20
N LYS F 283 2.37 15.89 3.77
CA LYS F 283 1.12 15.51 3.11
C LYS F 283 0.26 16.72 2.82
N THR F 284 0.10 17.63 3.79
CA THR F 284 -0.89 18.68 3.58
C THR F 284 -0.48 19.59 2.44
N ILE F 285 0.83 19.79 2.24
CA ILE F 285 1.21 20.66 1.13
C ILE F 285 0.83 20.01 -0.19
N ARG F 286 1.05 18.70 -0.31
CA ARG F 286 0.69 18.04 -1.56
C ARG F 286 -0.83 17.93 -1.71
N HIS F 287 -1.59 18.24 -0.65
CA HIS F 287 -3.03 18.34 -0.82
C HIS F 287 -3.41 19.60 -1.57
N TYR F 288 -2.71 20.70 -1.33
CA TYR F 288 -3.12 21.98 -1.89
C TYR F 288 -2.50 22.24 -3.26
N LEU F 289 -1.34 21.65 -3.55
CA LEU F 289 -0.55 22.05 -4.70
C LEU F 289 -0.57 21.04 -5.84
N ASP F 290 -0.84 19.77 -5.56
CA ASP F 290 -0.92 18.76 -6.62
C ASP F 290 -1.95 19.12 -7.70
N PRO F 291 -3.19 19.51 -7.38
CA PRO F 291 -4.12 19.85 -8.46
C PRO F 291 -3.65 21.00 -9.33
N LEU F 292 -3.00 22.00 -8.72
CA LEU F 292 -2.55 23.18 -9.43
C LEU F 292 -1.13 23.06 -9.93
N TRP F 293 -0.57 21.85 -9.92
CA TRP F 293 0.81 21.63 -10.33
C TRP F 293 0.96 21.50 -11.84
N HIS F 294 -0.16 21.54 -12.59
CA HIS F 294 -0.09 21.56 -14.04
C HIS F 294 0.35 22.92 -14.57
N GLN F 295 -0.04 24.00 -13.90
CA GLN F 295 0.26 25.35 -14.35
C GLN F 295 1.24 26.06 -13.43
N LEU F 296 1.85 25.35 -12.49
CA LEU F 296 2.66 26.00 -11.48
C LEU F 296 3.92 26.61 -12.08
N GLY F 297 4.42 27.65 -11.44
CA GLY F 297 5.55 28.39 -11.95
C GLY F 297 6.86 27.63 -11.82
N ALA F 298 7.92 28.25 -12.32
CA ALA F 298 9.25 27.66 -12.18
C ALA F 298 9.76 27.81 -10.75
N LYS F 299 9.64 29.00 -10.18
CA LYS F 299 10.17 29.24 -8.84
C LYS F 299 9.45 28.40 -7.80
N THR F 300 8.12 28.49 -7.77
CA THR F 300 7.34 27.77 -6.77
C THR F 300 7.41 26.27 -6.92
N LYS F 301 8.15 25.76 -7.90
CA LYS F 301 8.54 24.35 -7.90
C LYS F 301 9.88 24.13 -7.20
N SER F 302 10.59 25.20 -6.82
CA SER F 302 11.82 25.09 -6.06
C SER F 302 11.67 25.51 -4.61
N LEU F 303 10.77 26.44 -4.31
CA LEU F 303 10.55 26.82 -2.92
C LEU F 303 10.00 25.66 -2.12
N VAL F 304 9.15 24.82 -2.73
CA VAL F 304 8.65 23.64 -2.05
C VAL F 304 9.79 22.68 -1.73
N GLN F 305 10.68 22.48 -2.69
CA GLN F 305 11.85 21.66 -2.41
C GLN F 305 12.63 22.25 -1.23
N ASP F 306 12.92 23.54 -1.30
CA ASP F 306 13.71 24.18 -0.24
C ASP F 306 13.03 24.02 1.12
N LEU F 307 11.71 24.03 1.16
CA LEU F 307 11.00 23.67 2.39
C LEU F 307 11.36 22.26 2.82
N LYS F 308 11.36 21.33 1.86
CA LYS F 308 11.69 19.94 2.22
C LYS F 308 13.09 19.83 2.82
N ILE F 309 14.10 20.41 2.15
CA ILE F 309 15.46 20.31 2.69
C ILE F 309 15.59 21.04 4.02
N LEU F 310 14.88 22.15 4.19
CA LEU F 310 15.04 22.87 5.46
C LEU F 310 14.42 22.11 6.62
N ARG F 311 13.26 21.49 6.42
CA ARG F 311 12.70 20.63 7.46
C ARG F 311 13.61 19.44 7.74
N THR F 312 14.19 18.86 6.69
CA THR F 312 15.16 17.79 6.89
C THR F 312 16.35 18.26 7.71
N LEU F 313 16.81 19.48 7.44
CA LEU F 313 17.95 20.01 8.20
C LEU F 313 17.59 20.22 9.66
N LEU F 314 16.38 20.69 9.94
CA LEU F 314 15.96 20.85 11.33
C LEU F 314 15.96 19.51 12.07
N GLN F 315 15.37 18.49 11.44
CA GLN F 315 15.38 17.17 12.07
C GLN F 315 16.80 16.66 12.27
N TYR F 316 17.66 16.84 11.25
CA TYR F 316 19.04 16.38 11.35
C TYR F 316 19.77 17.06 12.49
N LEU F 317 19.55 18.36 12.65
CA LEU F 317 20.22 19.08 13.73
C LEU F 317 19.76 18.58 15.09
N SER F 318 18.47 18.33 15.24
CA SER F 318 17.97 17.91 16.54
C SER F 318 18.43 16.50 16.89
N GLN F 319 18.44 15.57 15.92
CA GLN F 319 18.54 14.16 16.26
C GLN F 319 19.95 13.60 16.27
N TYR F 320 20.76 13.84 15.24
CA TYR F 320 22.06 13.19 15.10
C TYR F 320 23.19 14.16 15.44
N ASP F 321 24.42 13.66 15.36
CA ASP F 321 25.57 14.38 15.89
C ASP F 321 26.02 15.48 14.92
N CYS F 322 27.22 16.01 15.14
CA CYS F 322 27.69 17.20 14.46
C CYS F 322 28.39 16.92 13.13
N VAL F 323 29.26 15.90 13.09
CA VAL F 323 29.98 15.61 11.85
C VAL F 323 29.02 15.17 10.76
N THR F 324 27.96 14.45 11.11
CA THR F 324 26.94 14.12 10.12
C THR F 324 26.30 15.38 9.57
N PHE F 325 26.02 16.35 10.43
CA PHE F 325 25.45 17.61 9.98
C PHE F 325 26.39 18.33 9.03
N LEU F 326 27.68 18.37 9.38
CA LEU F 326 28.66 19.00 8.50
C LEU F 326 28.71 18.32 7.15
N ASN F 327 28.70 16.98 7.15
CA ASN F 327 28.73 16.25 5.89
C ASN F 327 27.51 16.57 5.04
N LEU F 328 26.33 16.64 5.66
CA LEU F 328 25.12 16.93 4.90
C LEU F 328 25.18 18.33 4.30
N LEU F 329 25.66 19.30 5.07
CA LEU F 329 25.75 20.66 4.54
C LEU F 329 26.75 20.73 3.38
N GLU F 330 27.88 20.04 3.50
CA GLU F 330 28.84 20.04 2.40
C GLU F 330 28.28 19.35 1.17
N SER F 331 27.50 18.30 1.35
CA SER F 331 26.85 17.66 0.21
C SER F 331 25.92 18.61 -0.49
N LEU F 332 25.15 19.39 0.29
CA LEU F 332 24.28 20.40 -0.31
C LEU F 332 25.09 21.41 -1.10
N ARG F 333 26.20 21.89 -0.52
CA ARG F 333 27.02 22.89 -1.21
C ARG F 333 27.57 22.35 -2.53
N ALA F 334 28.10 21.13 -2.50
CA ALA F 334 28.66 20.54 -3.71
C ALA F 334 27.58 20.34 -4.77
N THR F 335 26.41 19.85 -4.37
CA THR F 335 25.34 19.63 -5.34
C THR F 335 24.89 20.94 -5.96
N GLU F 336 24.85 22.02 -5.17
CA GLU F 336 24.55 23.33 -5.75
C GLU F 336 25.67 23.81 -6.67
N LYS F 337 26.91 23.44 -6.37
CA LYS F 337 28.00 23.80 -7.27
C LYS F 337 27.88 23.08 -8.61
N ALA F 338 27.39 21.84 -8.60
CA ALA F 338 27.25 21.10 -9.84
C ALA F 338 26.00 21.50 -10.62
N PHE F 339 24.82 21.29 -10.03
CA PHE F 339 23.55 21.52 -10.73
C PHE F 339 22.92 22.87 -10.44
N GLY F 340 23.34 23.56 -9.38
CA GLY F 340 22.72 24.81 -9.01
C GLY F 340 21.30 24.63 -8.51
N GLN F 341 21.15 23.84 -7.45
CA GLN F 341 19.80 23.49 -6.99
C GLN F 341 19.35 24.40 -5.84
N ASN F 342 20.24 24.69 -4.90
CA ASN F 342 19.90 25.53 -3.75
C ASN F 342 20.29 26.98 -3.99
N SER F 343 19.74 27.56 -5.04
CA SER F 343 20.02 28.95 -5.37
C SER F 343 19.27 29.92 -4.47
N GLY F 344 18.04 29.58 -4.05
CA GLY F 344 17.24 30.50 -3.26
C GLY F 344 17.81 30.83 -1.90
N TRP F 345 18.78 30.06 -1.44
CA TRP F 345 19.50 30.32 -0.21
C TRP F 345 20.92 29.79 -0.40
N LEU F 346 21.62 29.53 0.70
CA LEU F 346 22.96 28.96 0.72
C LEU F 346 24.02 30.00 0.42
N PHE F 347 23.61 31.23 0.13
CA PHE F 347 24.53 32.35 -0.05
C PHE F 347 24.16 33.58 0.74
N LEU F 348 23.00 33.62 1.37
CA LEU F 348 22.61 34.74 2.21
C LEU F 348 23.52 34.83 3.43
N ASP F 349 23.28 35.86 4.25
CA ASP F 349 24.07 36.00 5.46
C ASP F 349 23.67 34.98 6.52
N SER F 350 22.37 34.65 6.61
CA SER F 350 21.92 33.67 7.59
C SER F 350 22.47 32.28 7.27
N SER F 351 22.52 31.91 5.99
CA SER F 351 23.13 30.63 5.62
C SER F 351 24.61 30.60 5.95
N THR F 352 25.31 31.73 5.75
CA THR F 352 26.71 31.76 6.13
C THR F 352 26.88 31.68 7.63
N SER F 353 25.94 32.24 8.39
CA SER F 353 25.95 32.03 9.84
C SER F 353 25.80 30.56 10.17
N MET F 354 24.89 29.86 9.49
CA MET F 354 24.73 28.43 9.70
C MET F 354 26.02 27.69 9.40
N PHE F 355 26.68 28.05 8.31
CA PHE F 355 27.90 27.36 7.89
C PHE F 355 29.03 27.59 8.87
N ILE F 356 29.26 28.85 9.26
CA ILE F 356 30.35 29.13 10.17
C ILE F 356 30.06 28.52 11.53
N ASN F 357 28.79 28.44 11.93
CA ASN F 357 28.49 27.81 13.20
C ASN F 357 28.76 26.30 13.15
N ALA F 358 28.38 25.63 12.06
CA ALA F 358 28.68 24.21 11.96
C ALA F 358 30.19 23.95 11.96
N ARG F 359 30.93 24.71 11.14
CA ARG F 359 32.36 24.49 11.08
C ARG F 359 33.05 24.88 12.38
N ALA F 360 32.44 25.78 13.15
CA ALA F 360 32.95 26.09 14.48
C ALA F 360 32.60 25.00 15.47
N ARG F 361 31.57 24.23 15.18
CA ARG F 361 31.24 23.09 16.03
C ARG F 361 32.17 21.92 15.79
N VAL F 362 32.69 21.75 14.57
CA VAL F 362 33.58 20.61 14.33
C VAL F 362 35.04 21.03 14.22
N TYR F 363 35.34 21.96 13.32
CA TYR F 363 36.71 22.37 13.03
C TYR F 363 37.21 23.38 14.05
N HIS F 364 38.51 23.70 13.94
CA HIS F 364 39.09 24.87 14.58
C HIS F 364 40.38 25.20 13.86
N LEU F 365 40.41 26.35 13.18
CA LEU F 365 41.60 26.77 12.44
C LEU F 365 42.31 27.88 13.20
N PRO F 366 43.57 27.68 13.60
CA PRO F 366 44.31 28.69 14.37
C PRO F 366 44.61 29.95 13.57
N LYS F 389 48.25 20.27 8.96
CA LYS F 389 47.95 21.54 9.62
C LYS F 389 46.44 21.68 9.85
N LYS F 390 45.97 21.06 10.93
CA LYS F 390 44.57 21.13 11.34
C LYS F 390 44.45 20.85 12.82
N GLU F 391 43.32 21.24 13.40
CA GLU F 391 42.99 20.95 14.78
C GLU F 391 41.47 20.93 14.92
N LEU F 392 40.99 20.18 15.92
CA LEU F 392 39.57 19.84 16.02
C LEU F 392 39.08 19.97 17.46
N VAL F 393 37.76 20.15 17.60
CA VAL F 393 37.14 20.38 18.90
C VAL F 393 36.14 19.27 19.23
N LEU F 394 35.15 19.06 18.37
CA LEU F 394 34.21 17.94 18.46
C LEU F 394 33.42 17.97 19.78
N GLU F 395 32.57 18.99 19.89
CA GLU F 395 31.62 19.01 20.99
C GLU F 395 30.49 18.01 20.72
N SER F 396 29.80 17.61 21.78
CA SER F 396 28.69 16.67 21.69
C SER F 396 27.45 17.28 22.33
N ASN F 397 26.30 17.05 21.72
CA ASN F 397 25.06 17.67 22.19
C ASN F 397 24.69 17.17 23.57
N PRO F 398 24.00 18.00 24.37
CA PRO F 398 23.83 17.68 25.79
C PRO F 398 22.91 16.52 26.09
N LYS F 399 22.12 16.06 25.11
CA LYS F 399 21.19 14.98 25.40
C LYS F 399 21.94 13.72 25.77
N TRP F 400 23.06 13.45 25.13
CA TRP F 400 23.84 12.27 25.47
C TRP F 400 24.37 12.34 26.89
N GLU F 401 24.88 13.51 27.29
CA GLU F 401 25.39 13.64 28.66
C GLU F 401 24.26 13.50 29.68
N ALA F 402 23.10 14.07 29.40
CA ALA F 402 21.97 13.90 30.30
C ALA F 402 21.55 12.44 30.40
N LEU F 403 21.55 11.73 29.27
CA LEU F 403 21.22 10.32 29.29
C LEU F 403 22.23 9.54 30.10
N THR F 404 23.52 9.89 29.99
CA THR F 404 24.52 9.20 30.78
C THR F 404 24.32 9.45 32.27
N GLU F 405 23.97 10.68 32.65
CA GLU F 405 23.72 10.97 34.05
C GLU F 405 22.51 10.20 34.57
N VAL F 406 21.46 10.12 33.76
CA VAL F 406 20.27 9.35 34.12
C VAL F 406 20.65 7.88 34.32
N LEU F 407 21.44 7.34 33.39
CA LEU F 407 21.87 5.95 33.53
C LEU F 407 22.74 5.75 34.77
N LYS F 408 23.53 6.74 35.15
CA LYS F 408 24.33 6.63 36.36
C LYS F 408 23.44 6.59 37.59
N GLU F 409 22.41 7.44 37.64
CA GLU F 409 21.48 7.38 38.76
C GLU F 409 20.76 6.04 38.80
N ILE F 410 20.38 5.52 37.63
CA ILE F 410 19.72 4.22 37.57
C ILE F 410 20.62 3.12 38.09
N GLU F 411 21.89 3.13 37.68
CA GLU F 411 22.82 2.10 38.13
C GLU F 411 23.06 2.19 39.63
N ALA F 412 23.21 3.41 40.15
CA ALA F 412 23.38 3.56 41.59
C ALA F 412 22.15 3.06 42.35
N GLU F 413 20.96 3.35 41.84
CA GLU F 413 19.75 2.81 42.45
C GLU F 413 19.74 1.30 42.44
N ASN F 414 20.13 0.70 41.31
CA ASN F 414 20.07 -0.75 41.19
C ASN F 414 21.12 -1.43 42.05
N LYS F 415 22.17 -0.70 42.42
CA LYS F 415 23.22 -1.29 43.26
C LYS F 415 22.64 -1.71 44.61
N GLU F 416 21.79 -0.88 45.20
CA GLU F 416 21.16 -1.17 46.48
C GLU F 416 19.73 -1.64 46.35
N SER F 417 19.19 -1.67 45.13
CA SER F 417 17.80 -2.07 44.94
C SER F 417 17.59 -3.54 45.29
N GLU F 418 17.01 -3.77 46.46
CA GLU F 418 16.70 -5.13 46.91
C GLU F 418 15.28 -5.19 47.47
N ALA F 419 14.76 -4.04 47.89
CA ALA F 419 13.45 -4.02 48.55
C ALA F 419 12.35 -4.50 47.61
N LEU F 420 12.39 -4.08 46.35
CA LEU F 420 11.40 -4.50 45.37
C LEU F 420 11.89 -5.72 44.59
N GLY F 421 12.33 -6.73 45.32
CA GLY F 421 12.87 -7.92 44.70
C GLY F 421 14.26 -7.70 44.15
N GLY F 422 14.41 -7.83 42.82
CA GLY F 422 15.68 -7.67 42.18
C GLY F 422 15.92 -6.26 41.70
N PRO F 423 16.65 -6.10 40.60
CA PRO F 423 17.05 -4.77 40.16
C PRO F 423 16.07 -4.03 39.26
N GLY F 424 15.29 -4.75 38.45
CA GLY F 424 14.44 -4.10 37.45
C GLY F 424 15.20 -3.68 36.20
N GLN F 425 14.55 -3.76 35.04
CA GLN F 425 15.22 -3.49 33.78
C GLN F 425 14.85 -2.12 33.22
N VAL F 426 15.70 -1.62 32.32
CA VAL F 426 15.59 -0.27 31.77
C VAL F 426 15.30 -0.37 30.28
N LEU F 427 14.34 0.41 29.81
CA LEU F 427 14.01 0.47 28.39
C LEU F 427 14.15 1.90 27.90
N ILE F 428 15.02 2.11 26.93
CA ILE F 428 15.27 3.42 26.33
C ILE F 428 14.56 3.44 24.98
N CYS F 429 13.53 4.25 24.84
CA CYS F 429 12.77 4.34 23.61
C CYS F 429 13.26 5.54 22.81
N ALA F 430 13.85 5.28 21.64
CA ALA F 430 14.38 6.33 20.78
C ALA F 430 13.44 6.56 19.61
N SER F 431 13.85 7.39 18.66
CA SER F 431 12.93 7.80 17.61
C SER F 431 13.07 7.00 16.33
N ASP F 432 14.25 6.46 16.06
CA ASP F 432 14.46 5.75 14.81
C ASP F 432 15.68 4.85 15.00
N ASP F 433 15.87 3.92 14.06
CA ASP F 433 16.96 2.96 14.17
C ASP F 433 18.31 3.67 14.15
N ARG F 434 18.44 4.73 13.37
CA ARG F 434 19.71 5.44 13.33
C ARG F 434 20.07 5.99 14.70
N THR F 435 19.09 6.58 15.40
CA THR F 435 19.36 7.11 16.72
C THR F 435 19.67 6.00 17.73
N CYS F 436 19.01 4.84 17.60
CA CYS F 436 19.31 3.73 18.48
C CYS F 436 20.75 3.25 18.31
N SER F 437 21.18 3.10 17.05
CA SER F 437 22.55 2.70 16.80
C SER F 437 23.53 3.75 17.30
N GLN F 438 23.21 5.03 17.11
CA GLN F 438 24.08 6.09 17.62
C GLN F 438 24.19 6.03 19.13
N LEU F 439 23.08 5.79 19.83
CA LEU F 439 23.13 5.70 21.28
C LEU F 439 23.96 4.52 21.74
N ARG F 440 23.81 3.37 21.06
CA ARG F 440 24.61 2.21 21.44
C ARG F 440 26.10 2.47 21.22
N ASP F 441 26.44 3.08 20.08
CA ASP F 441 27.84 3.39 19.80
C ASP F 441 28.39 4.37 20.82
N TYR F 442 27.63 5.39 21.15
CA TYR F 442 28.07 6.36 22.16
C TYR F 442 28.31 5.69 23.49
N ILE F 443 27.36 4.88 23.95
CA ILE F 443 27.46 4.31 25.29
C ILE F 443 28.62 3.32 25.37
N THR F 444 28.74 2.44 24.38
CA THR F 444 29.81 1.45 24.42
C THR F 444 31.18 2.09 24.28
N LEU F 445 31.36 2.94 23.25
CA LEU F 445 32.67 3.48 22.97
C LEU F 445 33.05 4.64 23.88
N GLY F 446 32.06 5.43 24.29
CA GLY F 446 32.32 6.72 24.92
C GLY F 446 32.11 7.86 23.96
N ALA F 447 32.19 9.08 24.49
CA ALA F 447 31.99 10.25 23.65
C ALA F 447 33.18 10.49 22.73
N GLU F 448 34.40 10.47 23.30
CA GLU F 448 35.56 10.94 22.56
C GLU F 448 35.93 9.99 21.43
N ALA F 449 36.00 8.70 21.72
CA ALA F 449 36.33 7.73 20.68
C ALA F 449 35.26 7.73 19.59
N PHE F 450 33.98 7.80 19.97
CA PHE F 450 32.91 7.79 18.98
C PHE F 450 33.04 8.97 18.04
N LEU F 451 33.18 10.17 18.60
CA LEU F 451 33.28 11.35 17.76
C LEU F 451 34.52 11.30 16.87
N LEU F 452 35.66 10.89 17.44
CA LEU F 452 36.90 10.92 16.67
C LEU F 452 36.87 9.88 15.56
N ARG F 453 36.31 8.70 15.83
CA ARG F 453 36.23 7.68 14.77
C ARG F 453 35.24 8.10 13.70
N LEU F 454 34.14 8.75 14.08
CA LEU F 454 33.21 9.22 13.07
C LEU F 454 33.84 10.28 12.19
N TYR F 455 34.63 11.18 12.79
CA TYR F 455 35.34 12.17 11.99
C TYR F 455 36.32 11.51 11.04
N ARG F 456 37.15 10.60 11.57
CA ARG F 456 38.17 9.96 10.74
C ARG F 456 37.53 9.19 9.59
N LYS F 457 36.39 8.53 9.84
CA LYS F 457 35.73 7.80 8.77
C LYS F 457 35.13 8.74 7.74
N THR F 458 34.38 9.74 8.17
CA THR F 458 33.65 10.58 7.23
C THR F 458 34.57 11.50 6.43
N PHE F 459 35.56 12.10 7.07
CA PHE F 459 36.46 13.02 6.37
C PHE F 459 37.81 12.34 6.20
N GLU F 460 38.78 13.09 5.69
CA GLU F 460 40.12 12.58 5.53
C GLU F 460 40.80 12.51 6.89
N LYS F 461 41.40 11.35 7.20
CA LYS F 461 42.11 11.17 8.45
C LYS F 461 43.46 11.86 8.40
N ALA F 561 31.34 -17.43 29.63
CA ALA F 561 30.63 -18.69 29.79
C ALA F 561 29.86 -19.06 28.53
N ALA F 562 29.86 -20.34 28.20
CA ALA F 562 29.15 -20.81 27.01
C ALA F 562 27.65 -20.59 27.13
N PHE F 563 27.08 -20.88 28.30
CA PHE F 563 25.65 -20.78 28.52
C PHE F 563 25.39 -20.44 29.98
N GLY F 564 24.27 -19.79 30.23
CA GLY F 564 23.89 -19.46 31.59
C GLY F 564 22.83 -18.38 31.61
N ILE F 565 22.27 -18.17 32.79
CA ILE F 565 21.29 -17.11 33.00
C ILE F 565 22.03 -15.80 33.16
N LEU F 566 21.46 -14.73 32.58
CA LEU F 566 22.11 -13.42 32.70
C LEU F 566 22.11 -12.94 34.15
N LYS F 567 20.94 -12.96 34.80
CA LYS F 567 20.79 -12.61 36.22
C LYS F 567 21.32 -11.22 36.54
N GLU F 568 21.36 -10.32 35.56
CA GLU F 568 21.82 -8.96 35.76
C GLU F 568 20.87 -8.02 35.04
N PRO F 569 20.70 -6.80 35.53
CA PRO F 569 19.82 -5.85 34.84
C PRO F 569 20.30 -5.58 33.43
N LEU F 570 19.34 -5.26 32.56
CA LEU F 570 19.61 -5.01 31.15
C LEU F 570 18.99 -3.69 30.74
N THR F 571 19.63 -3.03 29.78
CA THR F 571 19.09 -1.83 29.15
C THR F 571 18.81 -2.14 27.69
N ILE F 572 17.58 -1.91 27.26
CA ILE F 572 17.13 -2.31 25.93
C ILE F 572 16.72 -1.06 25.16
N ILE F 573 17.30 -0.88 23.98
CA ILE F 573 17.02 0.29 23.15
C ILE F 573 16.01 -0.09 22.09
N HIS F 574 14.91 0.65 22.02
CA HIS F 574 13.77 0.31 21.19
C HIS F 574 13.47 1.46 20.22
N PRO F 575 13.46 1.23 18.91
CA PRO F 575 13.16 2.29 17.94
C PRO F 575 11.67 2.48 17.77
N LEU F 576 11.16 3.63 18.20
CA LEU F 576 9.71 3.80 18.37
C LEU F 576 8.97 3.71 17.05
N LEU F 577 9.39 4.48 16.05
CA LEU F 577 8.72 4.49 14.75
C LEU F 577 7.24 4.82 14.91
N GLY F 578 6.99 6.04 15.38
CA GLY F 578 5.64 6.42 15.79
C GLY F 578 4.63 6.34 14.67
N CYS F 579 5.04 6.59 13.43
CA CYS F 579 4.08 6.61 12.33
C CYS F 579 3.61 5.20 11.97
N SER F 580 4.54 4.26 11.86
CA SER F 580 4.24 2.95 11.28
C SER F 580 3.18 2.19 12.07
N ASP F 581 3.50 1.80 13.30
CA ASP F 581 2.54 1.14 14.19
C ASP F 581 2.69 1.77 15.57
N PRO F 582 1.76 2.64 15.95
CA PRO F 582 1.88 3.30 17.25
C PRO F 582 1.83 2.34 18.43
N TYR F 583 1.07 1.25 18.31
CA TYR F 583 0.89 0.33 19.44
C TYR F 583 1.92 -0.77 19.44
N ALA F 584 3.19 -0.42 19.30
CA ALA F 584 4.27 -1.39 19.42
C ALA F 584 4.96 -1.32 20.76
N LEU F 585 5.06 -0.12 21.34
CA LEU F 585 5.64 0.03 22.67
C LEU F 585 4.93 -0.89 23.66
N THR F 586 3.60 -0.90 23.63
CA THR F 586 2.85 -1.78 24.52
C THR F 586 3.34 -3.21 24.40
N ARG F 587 3.52 -3.69 23.17
CA ARG F 587 4.00 -5.05 22.99
C ARG F 587 5.33 -5.25 23.69
N VAL F 588 6.29 -4.35 23.45
CA VAL F 588 7.55 -4.44 24.16
C VAL F 588 7.34 -4.33 25.65
N LEU F 589 6.45 -3.42 26.07
CA LEU F 589 6.21 -3.25 27.49
C LEU F 589 5.70 -4.52 28.13
N HIS F 590 5.18 -5.45 27.34
CA HIS F 590 4.72 -6.72 27.89
C HIS F 590 5.76 -7.83 27.78
N GLU F 591 6.65 -7.75 26.80
CA GLU F 591 7.65 -8.81 26.65
C GLU F 591 8.75 -8.67 27.68
N VAL F 592 9.17 -7.45 27.98
CA VAL F 592 10.18 -7.16 28.98
C VAL F 592 9.65 -6.06 29.88
N GLU F 593 9.25 -6.41 31.10
CA GLU F 593 8.59 -5.46 31.97
C GLU F 593 9.64 -4.58 32.61
N PRO F 594 9.67 -3.28 32.34
CA PRO F 594 10.72 -2.43 32.88
C PRO F 594 10.27 -1.72 34.15
N ARG F 595 11.22 -1.57 35.09
CA ARG F 595 10.97 -0.73 36.25
C ARG F 595 11.10 0.74 35.89
N TYR F 596 12.01 1.07 34.98
CA TYR F 596 12.25 2.42 34.53
C TYR F 596 12.11 2.51 33.03
N VAL F 597 11.41 3.54 32.55
CA VAL F 597 11.28 3.81 31.12
C VAL F 597 11.83 5.19 30.86
N VAL F 598 12.73 5.31 29.88
CA VAL F 598 13.37 6.59 29.57
C VAL F 598 12.88 7.10 28.23
N LEU F 599 11.85 7.94 28.23
CA LEU F 599 11.33 8.48 26.99
C LEU F 599 12.34 9.48 26.42
N TYR F 600 13.20 8.97 25.54
CA TYR F 600 14.23 9.79 24.91
C TYR F 600 13.63 10.73 23.87
N ASP F 601 12.78 10.21 23.00
CA ASP F 601 12.03 11.05 22.05
C ASP F 601 10.54 10.75 22.23
N ALA F 602 9.81 11.73 22.71
CA ALA F 602 8.47 11.53 23.24
C ALA F 602 7.40 12.04 22.29
N GLU F 603 6.30 11.31 22.22
CA GLU F 603 5.09 11.72 21.51
C GLU F 603 3.89 11.40 22.37
N LEU F 604 2.74 11.98 22.02
CA LEU F 604 1.58 11.91 22.89
C LEU F 604 1.10 10.47 23.08
N THR F 605 1.05 9.71 21.99
CA THR F 605 0.52 8.35 22.06
C THR F 605 1.33 7.50 23.02
N PHE F 606 2.65 7.70 23.07
CA PHE F 606 3.47 6.90 23.97
C PHE F 606 3.27 7.30 25.42
N VAL F 607 3.02 8.58 25.69
CA VAL F 607 2.69 9.00 27.05
C VAL F 607 1.41 8.32 27.52
N ARG F 608 0.38 8.34 26.67
CA ARG F 608 -0.86 7.68 27.04
C ARG F 608 -0.67 6.18 27.22
N GLN F 609 0.14 5.56 26.36
CA GLN F 609 0.36 4.12 26.46
C GLN F 609 1.08 3.75 27.75
N LEU F 610 2.08 4.55 28.16
CA LEU F 610 2.73 4.27 29.45
C LEU F 610 1.77 4.46 30.61
N GLU F 611 0.94 5.49 30.55
CA GLU F 611 -0.12 5.67 31.55
C GLU F 611 -0.98 4.42 31.69
N ILE F 612 -1.45 3.90 30.56
CA ILE F 612 -2.33 2.73 30.58
C ILE F 612 -1.59 1.49 31.06
N TYR F 613 -0.36 1.29 30.60
CA TYR F 613 0.39 0.11 31.02
C TYR F 613 0.63 0.12 32.52
N ARG F 614 0.81 1.30 33.11
CA ARG F 614 0.98 1.37 34.55
C ARG F 614 -0.34 1.15 35.27
N ALA F 615 -1.42 1.76 34.78
CA ALA F 615 -2.70 1.60 35.44
C ALA F 615 -3.28 0.21 35.26
N SER F 616 -2.71 -0.61 34.40
CA SER F 616 -3.19 -1.96 34.20
C SER F 616 -2.65 -2.94 35.24
N ARG F 617 -1.62 -2.56 35.98
CA ARG F 617 -1.03 -3.38 37.03
C ARG F 617 -1.11 -2.57 38.32
N PRO F 618 -2.08 -2.86 39.19
CA PRO F 618 -2.34 -1.96 40.31
C PRO F 618 -1.19 -1.82 41.29
N GLY F 619 -0.37 -2.84 41.49
CA GLY F 619 0.58 -2.80 42.57
C GLY F 619 2.04 -2.65 42.21
N LYS F 620 2.36 -2.62 40.92
CA LYS F 620 3.75 -2.53 40.47
C LYS F 620 4.04 -1.14 39.95
N PRO F 621 5.05 -0.44 40.46
CA PRO F 621 5.34 0.91 40.00
C PRO F 621 6.36 0.94 38.88
N LEU F 622 6.43 2.09 38.20
CA LEU F 622 7.52 2.34 37.28
C LEU F 622 7.83 3.83 37.30
N ARG F 623 9.06 4.15 36.92
CA ARG F 623 9.52 5.53 36.87
C ARG F 623 9.81 5.92 35.43
N VAL F 624 9.22 7.00 34.98
CA VAL F 624 9.35 7.46 33.61
C VAL F 624 10.18 8.72 33.60
N TYR F 625 11.38 8.64 33.02
CA TYR F 625 12.13 9.82 32.68
C TYR F 625 11.61 10.37 31.37
N PHE F 626 11.61 11.68 31.23
CA PHE F 626 11.04 12.33 30.06
C PHE F 626 12.06 13.36 29.56
N LEU F 627 12.91 12.98 28.60
CA LEU F 627 13.97 13.88 28.15
C LEU F 627 13.44 14.74 27.01
N ILE F 628 13.60 16.05 27.12
CA ILE F 628 13.20 16.95 26.05
C ILE F 628 14.14 18.16 26.01
N TYR F 629 14.21 18.78 24.84
CA TYR F 629 15.02 19.98 24.64
C TYR F 629 14.18 21.21 24.95
N GLY F 630 14.68 22.06 25.85
CA GLY F 630 13.96 23.27 26.19
C GLY F 630 14.11 24.31 25.09
N GLY F 631 13.00 24.94 24.73
CA GLY F 631 13.03 26.00 23.74
C GLY F 631 13.47 25.58 22.36
N SER F 632 13.00 24.43 21.90
CA SER F 632 13.39 23.92 20.59
C SER F 632 12.15 23.61 19.76
N THR F 633 12.33 22.95 18.61
CA THR F 633 11.17 22.55 17.82
C THR F 633 10.48 21.31 18.39
N GLU F 634 11.22 20.46 19.11
CA GLU F 634 10.61 19.31 19.76
C GLU F 634 9.47 19.73 20.67
N GLU F 635 9.75 20.69 21.56
CA GLU F 635 8.74 21.19 22.47
C GLU F 635 7.55 21.76 21.72
N GLN F 636 7.80 22.52 20.66
CA GLN F 636 6.71 23.15 19.95
C GLN F 636 5.82 22.11 19.28
N ARG F 637 6.42 21.08 18.68
CA ARG F 637 5.61 20.03 18.08
C ARG F 637 4.75 19.32 19.11
N TYR F 638 5.33 19.01 20.27
CA TYR F 638 4.55 18.36 21.32
C TYR F 638 3.35 19.23 21.72
N LEU F 639 3.59 20.51 21.96
CA LEU F 639 2.51 21.37 22.44
C LEU F 639 1.43 21.56 21.39
N THR F 640 1.81 21.69 20.12
CA THR F 640 0.82 21.80 19.07
C THR F 640 -0.03 20.54 18.98
N ALA F 641 0.59 19.37 19.16
CA ALA F 641 -0.20 18.14 19.15
C ALA F 641 -1.23 18.15 20.26
N LEU F 642 -0.82 18.55 21.46
CA LEU F 642 -1.77 18.66 22.57
C LEU F 642 -2.94 19.56 22.21
N ARG F 643 -2.65 20.76 21.71
CA ARG F 643 -3.70 21.72 21.43
C ARG F 643 -4.66 21.21 20.37
N LYS F 644 -4.10 20.63 19.29
CA LYS F 644 -4.95 20.13 18.21
C LYS F 644 -5.88 19.04 18.71
N GLU F 645 -5.37 18.13 19.53
CA GLU F 645 -6.21 17.06 20.06
C GLU F 645 -7.37 17.62 20.87
N LYS F 646 -7.06 18.58 21.76
CA LYS F 646 -8.12 19.13 22.60
C LYS F 646 -9.19 19.83 21.78
N GLU F 647 -8.78 20.63 20.79
CA GLU F 647 -9.78 21.32 19.96
C GLU F 647 -10.60 20.34 19.15
N ALA F 648 -9.98 19.28 18.64
CA ALA F 648 -10.74 18.29 17.87
C ALA F 648 -11.81 17.63 18.74
N PHE F 649 -11.47 17.27 19.97
CA PHE F 649 -12.47 16.63 20.80
C PHE F 649 -13.60 17.58 21.17
N GLU F 650 -13.28 18.84 21.47
CA GLU F 650 -14.35 19.78 21.77
C GLU F 650 -15.28 19.96 20.57
N LYS F 651 -14.71 20.08 19.38
CA LYS F 651 -15.54 20.21 18.18
C LYS F 651 -16.41 18.98 17.96
N LEU F 652 -15.86 17.79 18.17
CA LEU F 652 -16.65 16.57 18.02
C LEU F 652 -17.83 16.55 18.99
N ILE F 653 -17.58 16.92 20.24
CA ILE F 653 -18.66 16.92 21.22
C ILE F 653 -19.74 17.91 20.84
N ARG F 654 -19.33 19.10 20.39
CA ARG F 654 -20.32 20.10 19.96
C ARG F 654 -21.13 19.61 18.77
N GLU F 655 -20.46 18.96 17.80
CA GLU F 655 -21.16 18.44 16.64
C GLU F 655 -22.17 17.37 17.03
N LYS F 656 -21.78 16.45 17.90
CA LYS F 656 -22.74 15.44 18.36
C LYS F 656 -23.91 16.09 19.07
N ALA F 657 -23.63 17.07 19.94
CA ALA F 657 -24.71 17.71 20.68
C ALA F 657 -25.71 18.36 19.74
N SER F 658 -25.22 19.06 18.71
CA SER F 658 -26.14 19.63 17.73
C SER F 658 -26.75 18.57 16.82
N MET F 659 -26.19 17.36 16.80
CA MET F 659 -26.70 16.29 15.96
C MET F 659 -27.86 15.54 16.61
N VAL F 660 -27.97 15.59 17.94
CA VAL F 660 -29.03 14.84 18.61
C VAL F 660 -30.40 15.45 18.30
N VAL F 661 -30.48 16.76 18.05
CA VAL F 661 -31.77 17.39 17.79
C VAL F 661 -32.44 16.80 16.57
N PRO F 662 -31.79 16.65 15.40
CA PRO F 662 -32.47 15.90 14.35
C PRO F 662 -32.28 14.40 14.52
N THR F 699 -35.61 -2.15 -15.49
CA THR F 699 -35.31 -3.54 -15.20
C THR F 699 -33.92 -3.70 -14.60
N GLN F 700 -33.41 -4.93 -14.59
CA GLN F 700 -32.12 -5.23 -14.00
C GLN F 700 -31.09 -5.46 -15.09
N GLN F 701 -29.98 -4.73 -15.02
CA GLN F 701 -28.88 -4.87 -15.96
C GLN F 701 -27.60 -5.21 -15.23
N SER F 702 -26.69 -5.88 -15.93
CA SER F 702 -25.46 -6.36 -15.33
C SER F 702 -24.29 -6.03 -16.24
N ILE F 703 -23.09 -6.26 -15.73
CA ILE F 703 -21.85 -6.06 -16.47
C ILE F 703 -20.87 -7.14 -16.04
N VAL F 704 -20.55 -8.06 -16.94
CA VAL F 704 -19.55 -9.08 -16.66
C VAL F 704 -18.20 -8.40 -16.53
N VAL F 705 -17.58 -8.51 -15.37
CA VAL F 705 -16.33 -7.80 -15.08
C VAL F 705 -15.23 -8.82 -14.88
N ASP F 706 -14.06 -8.53 -15.42
CA ASP F 706 -12.89 -9.39 -15.23
C ASP F 706 -12.58 -9.51 -13.75
N MET F 707 -11.84 -10.56 -13.39
CA MET F 707 -11.48 -10.75 -12.00
C MET F 707 -10.27 -9.95 -11.59
N ARG F 708 -9.51 -9.43 -12.55
CA ARG F 708 -8.31 -8.68 -12.27
C ARG F 708 -8.57 -7.19 -12.08
N GLU F 709 -9.83 -6.77 -12.13
CA GLU F 709 -10.16 -5.35 -12.15
C GLU F 709 -10.63 -4.84 -10.80
N PHE F 710 -10.55 -5.65 -9.75
CA PHE F 710 -11.15 -5.30 -8.47
C PHE F 710 -10.16 -4.64 -7.52
N ARG F 711 -8.95 -4.34 -7.98
CA ARG F 711 -8.07 -3.43 -7.25
C ARG F 711 -8.25 -2.00 -7.77
N SER F 712 -9.50 -1.57 -7.88
CA SER F 712 -9.81 -0.32 -8.56
C SER F 712 -11.18 0.16 -8.10
N GLU F 713 -11.41 1.45 -8.29
CA GLU F 713 -12.63 2.08 -7.84
C GLU F 713 -13.80 1.87 -8.79
N LEU F 714 -13.55 1.46 -10.03
CA LEU F 714 -14.62 1.42 -11.03
C LEU F 714 -15.72 0.41 -10.70
N PRO F 715 -15.44 -0.85 -10.34
CA PRO F 715 -16.55 -1.76 -10.02
C PRO F 715 -17.47 -1.25 -8.92
N SER F 716 -16.90 -0.61 -7.89
CA SER F 716 -17.72 -0.09 -6.81
C SER F 716 -18.64 1.03 -7.31
N LEU F 717 -18.11 1.92 -8.16
CA LEU F 717 -18.93 3.01 -8.68
C LEU F 717 -20.02 2.48 -9.60
N ILE F 718 -19.73 1.41 -10.34
CA ILE F 718 -20.76 0.80 -11.16
C ILE F 718 -21.86 0.21 -10.28
N HIS F 719 -21.44 -0.49 -9.21
CA HIS F 719 -22.43 -1.15 -8.37
C HIS F 719 -23.28 -0.16 -7.59
N ARG F 720 -22.74 1.02 -7.28
CA ARG F 720 -23.53 2.00 -6.54
C ARG F 720 -24.79 2.39 -7.30
N ARG F 721 -24.69 2.53 -8.63
CA ARG F 721 -25.83 2.99 -9.41
C ARG F 721 -26.99 2.01 -9.36
N GLY F 722 -26.71 0.72 -9.31
CA GLY F 722 -27.78 -0.26 -9.30
C GLY F 722 -27.59 -1.33 -10.36
N ILE F 723 -26.37 -1.44 -10.86
CA ILE F 723 -25.99 -2.47 -11.81
C ILE F 723 -25.23 -3.54 -11.04
N ASP F 724 -25.71 -4.78 -11.10
CA ASP F 724 -25.00 -5.82 -10.38
C ASP F 724 -23.81 -6.30 -11.20
N ILE F 725 -22.81 -6.82 -10.49
CA ILE F 725 -21.56 -7.26 -11.06
C ILE F 725 -21.51 -8.78 -10.99
N GLU F 726 -20.91 -9.40 -12.01
CA GLU F 726 -20.70 -10.84 -12.03
C GLU F 726 -19.24 -11.10 -12.36
N PRO F 727 -18.38 -11.17 -11.36
CA PRO F 727 -16.96 -11.38 -11.62
C PRO F 727 -16.69 -12.72 -12.29
N VAL F 728 -15.74 -12.71 -13.21
CA VAL F 728 -15.33 -13.90 -13.94
C VAL F 728 -14.00 -13.60 -14.60
N THR F 729 -13.20 -14.63 -14.85
CA THR F 729 -11.85 -14.46 -15.41
C THR F 729 -11.94 -14.49 -16.93
N LEU F 730 -12.24 -13.33 -17.51
CA LEU F 730 -12.33 -13.23 -18.95
C LEU F 730 -10.96 -13.35 -19.59
N GLU F 731 -10.94 -13.78 -20.85
CA GLU F 731 -9.70 -13.79 -21.61
C GLU F 731 -9.64 -12.70 -22.67
N VAL F 732 -10.78 -12.11 -23.02
CA VAL F 732 -10.84 -11.01 -23.98
C VAL F 732 -11.52 -9.83 -23.31
N GLY F 733 -10.78 -8.75 -23.12
CA GLY F 733 -11.35 -7.52 -22.61
C GLY F 733 -11.49 -7.50 -21.11
N ASP F 734 -12.11 -6.42 -20.63
CA ASP F 734 -12.31 -6.20 -19.21
C ASP F 734 -13.78 -6.14 -18.81
N TYR F 735 -14.58 -5.30 -19.44
CA TYR F 735 -15.99 -5.19 -19.13
C TYR F 735 -16.82 -5.54 -20.36
N ILE F 736 -17.81 -6.40 -20.19
CA ILE F 736 -18.69 -6.78 -21.28
C ILE F 736 -20.04 -6.14 -21.07
N LEU F 737 -20.26 -4.96 -21.63
CA LEU F 737 -21.52 -4.26 -21.37
C LEU F 737 -22.70 -4.99 -21.98
N THR F 738 -22.54 -5.54 -23.17
CA THR F 738 -23.65 -6.16 -23.88
C THR F 738 -23.16 -7.43 -24.57
N PRO F 739 -24.03 -8.23 -25.19
CA PRO F 739 -23.53 -9.44 -25.86
C PRO F 739 -22.45 -9.18 -26.88
N GLU F 740 -22.51 -8.08 -27.63
CA GLU F 740 -21.43 -7.73 -28.55
C GLU F 740 -20.98 -6.31 -28.24
N MET F 741 -20.19 -6.18 -27.18
CA MET F 741 -19.43 -4.98 -26.86
C MET F 741 -18.40 -5.33 -25.82
N CYS F 742 -17.13 -5.18 -26.13
CA CYS F 742 -16.06 -5.57 -25.22
C CYS F 742 -15.21 -4.33 -24.98
N VAL F 743 -15.25 -3.81 -23.76
CA VAL F 743 -14.51 -2.61 -23.39
C VAL F 743 -13.20 -3.04 -22.76
N GLU F 744 -12.10 -2.45 -23.23
CA GLU F 744 -10.79 -2.64 -22.62
C GLU F 744 -10.36 -1.31 -22.02
N ARG F 745 -10.14 -1.28 -20.71
CA ARG F 745 -9.77 -0.07 -20.00
C ARG F 745 -8.26 0.08 -19.94
N LYS F 746 -7.78 1.27 -20.28
CA LYS F 746 -6.35 1.55 -20.28
C LYS F 746 -6.09 2.90 -19.63
N SER F 747 -5.19 2.91 -18.65
CA SER F 747 -4.75 4.17 -18.07
C SER F 747 -3.66 4.79 -18.93
N ILE F 748 -3.40 6.08 -18.68
CA ILE F 748 -2.55 6.85 -19.58
C ILE F 748 -1.14 6.27 -19.60
N SER F 749 -0.55 6.09 -18.42
CA SER F 749 0.77 5.47 -18.35
C SER F 749 0.74 4.05 -18.89
N ASP F 750 -0.30 3.30 -18.52
CA ASP F 750 -0.48 1.96 -19.08
C ASP F 750 -0.62 2.02 -20.58
N LEU F 751 -1.36 3.00 -21.10
CA LEU F 751 -1.56 3.09 -22.55
C LEU F 751 -0.23 3.32 -23.25
N ILE F 752 0.58 4.26 -22.75
CA ILE F 752 1.86 4.54 -23.39
C ILE F 752 2.76 3.32 -23.33
N GLY F 753 2.84 2.68 -22.17
CA GLY F 753 3.68 1.50 -22.04
C GLY F 753 3.23 0.38 -22.96
N SER F 754 1.92 0.13 -23.03
CA SER F 754 1.40 -0.95 -23.85
C SER F 754 1.66 -0.69 -25.33
N LEU F 755 1.48 0.55 -25.77
CA LEU F 755 1.77 0.87 -27.16
C LEU F 755 3.25 0.67 -27.46
N ASN F 756 4.12 1.04 -26.52
CA ASN F 756 5.55 0.88 -26.75
C ASN F 756 5.97 -0.58 -26.76
N ASN F 757 5.34 -1.42 -25.93
CA ASN F 757 5.74 -2.82 -25.81
C ASN F 757 5.27 -3.65 -27.00
N GLY F 758 3.96 -3.71 -27.22
CA GLY F 758 3.42 -4.52 -28.30
C GLY F 758 2.18 -5.28 -27.91
N ARG F 759 1.69 -5.08 -26.69
CA ARG F 759 0.54 -5.81 -26.19
C ARG F 759 -0.77 -5.32 -26.80
N LEU F 760 -0.93 -4.01 -26.94
CA LEU F 760 -2.22 -3.47 -27.38
C LEU F 760 -2.58 -3.96 -28.78
N TYR F 761 -1.60 -4.18 -29.64
CA TYR F 761 -1.91 -4.68 -30.98
C TYR F 761 -2.55 -6.06 -30.91
N SER F 762 -1.95 -6.97 -30.13
CA SER F 762 -2.53 -8.30 -29.98
C SER F 762 -3.90 -8.23 -29.33
N GLN F 763 -4.05 -7.40 -28.30
CA GLN F 763 -5.35 -7.29 -27.66
C GLN F 763 -6.41 -6.78 -28.61
N CYS F 764 -6.07 -5.79 -29.44
CA CYS F 764 -7.02 -5.27 -30.41
C CYS F 764 -7.38 -6.32 -31.44
N ILE F 765 -6.40 -7.12 -31.88
CA ILE F 765 -6.73 -8.12 -32.89
C ILE F 765 -7.64 -9.18 -32.31
N SER F 766 -7.45 -9.56 -31.05
CA SER F 766 -8.34 -10.55 -30.43
C SER F 766 -9.74 -9.98 -30.23
N MET F 767 -9.83 -8.74 -29.72
CA MET F 767 -11.14 -8.13 -29.51
C MET F 767 -11.90 -8.00 -30.81
N SER F 768 -11.21 -7.62 -31.90
CA SER F 768 -11.89 -7.52 -33.19
C SER F 768 -12.24 -8.89 -33.74
N ARG F 769 -11.48 -9.92 -33.39
CA ARG F 769 -11.76 -11.26 -33.91
C ARG F 769 -13.00 -11.86 -33.27
N TYR F 770 -13.18 -11.71 -31.96
CA TYR F 770 -14.27 -12.40 -31.29
C TYR F 770 -15.49 -11.55 -31.01
N TYR F 771 -15.35 -10.23 -30.94
CA TYR F 771 -16.46 -9.35 -30.62
C TYR F 771 -16.73 -8.39 -31.78
N LYS F 772 -18.00 -8.08 -31.99
CA LYS F 772 -18.40 -7.27 -33.13
C LYS F 772 -18.09 -5.80 -32.93
N ARG F 773 -18.24 -5.28 -31.72
CA ARG F 773 -18.16 -3.84 -31.45
C ARG F 773 -17.17 -3.58 -30.33
N PRO F 774 -15.88 -3.81 -30.57
CA PRO F 774 -14.89 -3.59 -29.51
C PRO F 774 -14.73 -2.12 -29.20
N VAL F 775 -14.34 -1.82 -27.96
CA VAL F 775 -14.17 -0.44 -27.51
C VAL F 775 -12.91 -0.36 -26.67
N LEU F 776 -12.13 0.68 -26.87
CA LEU F 776 -10.96 0.99 -26.06
C LEU F 776 -11.25 2.25 -25.26
N LEU F 777 -11.17 2.16 -23.94
CA LEU F 777 -11.51 3.27 -23.06
C LEU F 777 -10.26 3.80 -22.39
N ILE F 778 -9.87 5.01 -22.76
CA ILE F 778 -8.66 5.65 -22.24
C ILE F 778 -9.07 6.50 -21.05
N GLU F 779 -8.51 6.20 -19.88
CA GLU F 779 -8.92 6.85 -18.65
C GLU F 779 -7.83 7.78 -18.12
N PHE F 780 -8.27 8.90 -17.54
CA PHE F 780 -7.38 9.87 -16.95
C PHE F 780 -7.58 9.89 -15.44
N ASP F 781 -6.62 10.49 -14.75
CA ASP F 781 -6.73 10.60 -13.30
C ASP F 781 -7.21 11.98 -12.92
N PRO F 782 -8.24 12.10 -12.06
CA PRO F 782 -8.72 13.44 -11.68
C PRO F 782 -7.68 14.27 -10.96
N SER F 783 -6.83 13.65 -10.14
CA SER F 783 -5.77 14.37 -9.47
C SER F 783 -4.58 14.55 -10.41
N LYS F 784 -4.85 15.06 -11.60
CA LYS F 784 -3.89 15.24 -12.67
C LYS F 784 -4.61 15.99 -13.78
N PRO F 785 -3.93 16.82 -14.57
CA PRO F 785 -4.63 17.56 -15.63
C PRO F 785 -5.29 16.63 -16.64
N PHE F 786 -6.43 17.08 -17.15
CA PHE F 786 -7.15 16.39 -18.23
C PHE F 786 -6.48 16.69 -19.57
N SER F 787 -5.22 16.28 -19.66
CA SER F 787 -4.41 16.53 -20.85
C SER F 787 -3.57 15.29 -21.14
N LEU F 788 -3.56 14.88 -22.41
CA LEU F 788 -2.77 13.72 -22.82
C LEU F 788 -1.37 14.24 -23.14
N THR F 789 -0.57 14.36 -22.10
CA THR F 789 0.79 14.87 -22.22
C THR F 789 1.64 14.33 -21.09
N ILE F 798 7.46 15.29 -37.56
CA ILE F 798 6.82 14.17 -36.87
C ILE F 798 7.87 13.19 -36.38
N SER F 799 7.53 12.42 -35.36
CA SER F 799 8.41 11.40 -34.82
C SER F 799 7.61 10.17 -34.44
N SER F 800 8.16 8.99 -34.74
CA SER F 800 7.50 7.74 -34.38
C SER F 800 7.36 7.61 -32.88
N ASN F 801 8.27 8.23 -32.11
CA ASN F 801 8.19 8.17 -30.66
C ASN F 801 6.94 8.86 -30.12
N ASP F 802 6.35 9.77 -30.87
CA ASP F 802 5.19 10.51 -30.39
C ASP F 802 4.01 9.57 -30.20
N ILE F 803 3.32 9.75 -29.06
CA ILE F 803 2.20 8.86 -28.74
C ILE F 803 1.05 9.08 -29.73
N SER F 804 0.85 10.31 -30.17
CA SER F 804 -0.20 10.58 -31.14
C SER F 804 0.03 9.81 -32.43
N SER F 805 1.29 9.66 -32.83
CA SER F 805 1.59 8.92 -34.05
C SER F 805 1.19 7.46 -33.91
N LYS F 806 1.53 6.85 -32.78
CA LYS F 806 1.16 5.45 -32.55
C LYS F 806 -0.34 5.29 -32.48
N LEU F 807 -1.03 6.23 -31.83
CA LEU F 807 -2.48 6.16 -31.74
C LEU F 807 -3.11 6.24 -33.12
N THR F 808 -2.63 7.16 -33.97
CA THR F 808 -3.15 7.29 -35.32
C THR F 808 -2.89 6.04 -36.15
N LEU F 809 -1.69 5.48 -36.05
CA LEU F 809 -1.41 4.24 -36.77
C LEU F 809 -2.32 3.11 -36.31
N LEU F 810 -2.51 2.99 -34.99
CA LEU F 810 -3.36 1.92 -34.46
C LEU F 810 -4.79 2.07 -34.94
N THR F 811 -5.32 3.29 -34.90
CA THR F 811 -6.70 3.47 -35.35
C THR F 811 -6.81 3.43 -36.86
N LEU F 812 -5.72 3.59 -37.58
CA LEU F 812 -5.77 3.44 -39.02
C LEU F 812 -5.79 1.97 -39.42
N HIS F 813 -5.11 1.13 -38.65
CA HIS F 813 -5.07 -0.30 -38.95
C HIS F 813 -6.32 -1.04 -38.51
N PHE F 814 -7.07 -0.52 -37.54
CA PHE F 814 -8.27 -1.16 -37.00
C PHE F 814 -9.44 -0.20 -37.18
N PRO F 815 -10.00 -0.15 -38.38
CA PRO F 815 -11.02 0.87 -38.68
C PRO F 815 -12.28 0.76 -37.84
N ARG F 816 -12.60 -0.42 -37.31
CA ARG F 816 -13.82 -0.59 -36.54
C ARG F 816 -13.63 -0.34 -35.05
N LEU F 817 -12.40 -0.13 -34.60
CA LEU F 817 -12.16 0.15 -33.18
C LEU F 817 -12.75 1.49 -32.80
N ARG F 818 -13.36 1.54 -31.63
CA ARG F 818 -13.95 2.77 -31.11
C ARG F 818 -13.24 3.17 -29.83
N ILE F 819 -13.12 4.48 -29.61
CA ILE F 819 -12.38 5.00 -28.48
C ILE F 819 -13.33 5.82 -27.60
N LEU F 820 -13.17 5.71 -26.30
CA LEU F 820 -13.91 6.50 -25.33
C LEU F 820 -12.93 7.25 -24.45
N TRP F 821 -13.25 8.50 -24.15
CA TRP F 821 -12.41 9.33 -23.30
C TRP F 821 -13.22 9.73 -22.08
N CYS F 822 -12.62 9.55 -20.90
CA CYS F 822 -13.32 9.80 -19.65
C CYS F 822 -12.37 10.44 -18.65
N PRO F 823 -12.76 11.55 -18.02
CA PRO F 823 -11.85 12.21 -17.08
C PRO F 823 -11.57 11.42 -15.81
N SER F 824 -12.57 10.75 -15.25
CA SER F 824 -12.41 10.06 -13.97
C SER F 824 -13.40 8.91 -13.92
N PRO F 825 -13.14 7.89 -13.10
CA PRO F 825 -14.06 6.75 -13.05
C PRO F 825 -15.49 7.12 -12.70
N HIS F 826 -15.70 8.22 -11.97
CA HIS F 826 -17.06 8.66 -11.69
C HIS F 826 -17.81 8.96 -12.98
N ALA F 827 -17.14 9.59 -13.95
CA ALA F 827 -17.76 9.82 -15.25
C ALA F 827 -17.86 8.54 -16.05
N THR F 828 -16.88 7.65 -15.91
CA THR F 828 -16.88 6.40 -16.67
C THR F 828 -18.08 5.54 -16.33
N ALA F 829 -18.43 5.45 -15.03
CA ALA F 829 -19.57 4.64 -14.65
C ALA F 829 -20.86 5.17 -15.27
N GLU F 830 -21.03 6.48 -15.26
CA GLU F 830 -22.22 7.07 -15.87
C GLU F 830 -22.25 6.82 -17.37
N LEU F 831 -21.09 6.88 -18.03
CA LEU F 831 -21.05 6.55 -19.45
C LEU F 831 -21.42 5.10 -19.69
N PHE F 832 -20.92 4.19 -18.84
CA PHE F 832 -21.29 2.78 -18.98
C PHE F 832 -22.79 2.59 -18.88
N GLU F 833 -23.42 3.28 -17.92
CA GLU F 833 -24.87 3.18 -17.83
C GLU F 833 -25.55 3.72 -19.08
N GLU F 834 -25.07 4.85 -19.60
CA GLU F 834 -25.70 5.45 -20.76
C GLU F 834 -25.43 4.68 -22.05
N LEU F 835 -24.46 3.78 -22.05
CA LEU F 835 -24.12 3.02 -23.25
C LEU F 835 -24.91 1.72 -23.36
N LYS F 836 -25.71 1.38 -22.36
CA LYS F 836 -26.64 0.25 -22.45
C LYS F 836 -27.99 0.77 -21.98
N GLN F 837 -28.73 1.38 -22.91
CA GLN F 837 -30.05 1.91 -22.60
C GLN F 837 -31.18 1.04 -23.12
N SER F 838 -30.95 0.30 -24.20
CA SER F 838 -31.95 -0.63 -24.70
C SER F 838 -31.39 -1.98 -25.12
N LYS F 839 -30.09 -2.14 -25.23
CA LYS F 839 -29.52 -3.39 -25.69
C LYS F 839 -29.68 -4.48 -24.62
N PRO F 840 -29.68 -5.74 -25.03
CA PRO F 840 -29.81 -6.83 -24.06
C PRO F 840 -28.58 -6.92 -23.15
N GLN F 841 -28.77 -7.61 -22.03
CA GLN F 841 -27.70 -7.81 -21.06
C GLN F 841 -26.79 -8.95 -21.48
N PRO F 842 -25.55 -8.96 -21.00
CA PRO F 842 -24.66 -10.08 -21.30
C PRO F 842 -24.87 -11.22 -20.33
N ASP F 843 -24.03 -12.25 -20.40
CA ASP F 843 -24.08 -13.30 -19.40
C ASP F 843 -22.71 -13.97 -19.32
N ALA F 844 -22.36 -14.40 -18.11
CA ALA F 844 -21.18 -15.22 -17.93
C ALA F 844 -21.45 -16.62 -18.48
N ALA F 845 -20.45 -17.50 -18.33
CA ALA F 845 -20.54 -18.89 -18.76
C ALA F 845 -20.59 -19.00 -20.28
N THR F 846 -20.64 -17.87 -20.97
CA THR F 846 -20.35 -17.77 -22.39
C THR F 846 -19.28 -16.74 -22.69
N ALA F 847 -19.28 -15.62 -21.96
CA ALA F 847 -18.14 -14.72 -22.03
C ALA F 847 -16.89 -15.39 -21.50
N LEU F 848 -17.03 -16.21 -20.47
CA LEU F 848 -15.91 -17.01 -20.00
C LEU F 848 -15.53 -18.09 -21.01
N ALA F 849 -16.45 -18.49 -21.88
CA ALA F 849 -16.19 -19.51 -22.88
C ALA F 849 -15.58 -18.97 -24.16
N ILE F 850 -15.39 -17.66 -24.28
CA ILE F 850 -14.73 -17.07 -25.44
C ILE F 850 -13.23 -17.20 -25.27
N THR F 851 -12.65 -18.28 -25.77
CA THR F 851 -11.22 -18.56 -25.61
C THR F 851 -10.60 -18.76 -26.99
N ALA F 852 -9.35 -19.22 -27.00
CA ALA F 852 -8.66 -19.41 -28.27
C ALA F 852 -9.30 -20.50 -29.11
N ASP F 853 -9.76 -21.58 -28.48
CA ASP F 853 -10.31 -22.71 -29.21
C ASP F 853 -11.70 -22.45 -29.79
N SER F 854 -12.38 -21.40 -29.36
CA SER F 854 -13.72 -21.14 -29.89
C SER F 854 -13.62 -20.54 -31.30
N GLU F 855 -14.77 -20.47 -31.97
CA GLU F 855 -14.83 -19.96 -33.32
C GLU F 855 -14.95 -18.44 -33.33
N THR F 856 -14.43 -17.84 -34.40
CA THR F 856 -14.39 -16.39 -34.51
C THR F 856 -15.73 -15.85 -35.01
N LEU F 857 -15.76 -14.57 -35.35
CA LEU F 857 -16.98 -13.98 -35.86
C LEU F 857 -17.34 -14.58 -37.22
N PRO F 858 -18.63 -14.58 -37.57
CA PRO F 858 -19.01 -15.11 -38.89
C PRO F 858 -18.38 -14.35 -40.04
N GLU F 859 -18.21 -13.03 -39.92
CA GLU F 859 -17.47 -12.25 -40.92
C GLU F 859 -16.42 -11.40 -40.18
N SER F 860 -15.29 -12.01 -39.87
CA SER F 860 -14.11 -11.30 -39.40
C SER F 860 -12.84 -11.70 -40.13
N GLU F 861 -12.70 -12.97 -40.48
CA GLU F 861 -11.49 -13.46 -41.12
C GLU F 861 -11.85 -14.71 -41.91
N LYS F 862 -11.23 -14.86 -43.07
CA LYS F 862 -11.41 -16.05 -43.89
C LYS F 862 -10.41 -17.14 -43.56
N TYR F 863 -9.54 -16.92 -42.57
CA TYR F 863 -8.47 -17.85 -42.24
C TYR F 863 -8.67 -18.45 -40.85
N ASN F 864 -8.03 -19.58 -40.63
CA ASN F 864 -7.97 -20.16 -39.30
C ASN F 864 -7.03 -19.34 -38.44
N PRO F 865 -7.47 -18.85 -37.28
CA PRO F 865 -6.58 -18.00 -36.47
C PRO F 865 -5.30 -18.69 -36.04
N GLY F 866 -5.37 -19.98 -35.72
CA GLY F 866 -4.24 -20.71 -35.23
C GLY F 866 -3.07 -20.76 -36.18
N PRO F 867 -3.26 -21.43 -37.32
CA PRO F 867 -2.17 -21.47 -38.32
C PRO F 867 -1.75 -20.10 -38.81
N GLN F 868 -2.69 -19.17 -38.96
CA GLN F 868 -2.33 -17.83 -39.43
C GLN F 868 -1.39 -17.14 -38.46
N ASP F 869 -1.70 -17.21 -37.16
CA ASP F 869 -0.82 -16.59 -36.18
C ASP F 869 0.52 -17.32 -36.11
N PHE F 870 0.50 -18.64 -36.22
CA PHE F 870 1.76 -19.39 -36.18
C PHE F 870 2.66 -19.00 -37.34
N LEU F 871 2.07 -18.83 -38.53
CA LEU F 871 2.85 -18.51 -39.72
C LEU F 871 3.53 -17.15 -39.62
N LEU F 872 2.81 -16.13 -39.15
CA LEU F 872 3.34 -14.77 -39.17
C LEU F 872 4.55 -14.59 -38.26
N LYS F 873 4.82 -15.53 -37.36
CA LYS F 873 5.93 -15.36 -36.42
C LYS F 873 7.24 -15.94 -36.93
N MET F 874 7.20 -17.03 -37.69
CA MET F 874 8.43 -17.61 -38.20
C MET F 874 9.09 -16.62 -39.16
N PRO F 875 10.41 -16.54 -39.17
CA PRO F 875 11.08 -15.56 -40.05
C PRO F 875 10.85 -15.89 -41.51
N GLY F 876 10.82 -14.84 -42.32
CA GLY F 876 10.66 -14.97 -43.75
C GLY F 876 9.28 -14.68 -44.30
N VAL F 877 8.34 -14.28 -43.46
CA VAL F 877 6.99 -13.93 -43.89
C VAL F 877 6.61 -12.60 -43.27
N ASN F 878 6.23 -11.65 -44.11
CA ASN F 878 5.92 -10.29 -43.69
C ASN F 878 4.43 -10.01 -43.88
N ALA F 879 4.05 -8.76 -43.68
CA ALA F 879 2.65 -8.38 -43.77
C ALA F 879 2.10 -8.61 -45.18
N LYS F 880 2.90 -8.32 -46.21
CA LYS F 880 2.38 -8.27 -47.57
C LYS F 880 2.39 -9.63 -48.25
N ASN F 881 3.45 -10.41 -48.05
CA ASN F 881 3.62 -11.65 -48.79
C ASN F 881 2.75 -12.80 -48.26
N CYS F 882 2.26 -12.69 -47.02
CA CYS F 882 1.58 -13.82 -46.39
C CYS F 882 0.38 -14.30 -47.20
N ARG F 883 -0.32 -13.38 -47.86
CA ARG F 883 -1.46 -13.76 -48.69
C ARG F 883 -1.07 -14.79 -49.75
N SER F 884 0.11 -14.61 -50.36
CA SER F 884 0.53 -15.50 -51.43
C SER F 884 0.78 -16.92 -50.94
N LEU F 885 1.58 -17.06 -49.87
CA LEU F 885 1.84 -18.40 -49.34
C LEU F 885 0.59 -19.01 -48.74
N MET F 886 -0.36 -18.18 -48.29
CA MET F 886 -1.58 -18.73 -47.75
C MET F 886 -2.51 -19.24 -48.85
N HIS F 887 -2.56 -18.52 -49.98
CA HIS F 887 -3.50 -18.88 -51.04
C HIS F 887 -2.94 -19.94 -51.97
N HIS F 888 -1.63 -20.04 -52.13
CA HIS F 888 -1.05 -21.05 -53.00
C HIS F 888 -0.89 -22.40 -52.31
N VAL F 889 -1.01 -22.46 -50.99
CA VAL F 889 -0.70 -23.65 -50.21
C VAL F 889 -1.87 -23.94 -49.29
N LYS F 890 -1.92 -25.17 -48.75
CA LYS F 890 -3.06 -25.57 -47.94
C LYS F 890 -2.77 -25.41 -46.45
N ASN F 891 -1.75 -26.08 -45.94
CA ASN F 891 -1.45 -26.08 -44.52
C ASN F 891 0.06 -25.90 -44.32
N ILE F 892 0.49 -25.95 -43.06
CA ILE F 892 1.92 -25.86 -42.76
C ILE F 892 2.66 -27.08 -43.28
N ALA F 893 2.04 -28.25 -43.23
CA ALA F 893 2.72 -29.47 -43.67
C ALA F 893 3.12 -29.38 -45.14
N GLU F 894 2.20 -28.90 -45.99
CA GLU F 894 2.54 -28.69 -47.40
C GLU F 894 3.63 -27.63 -47.56
N LEU F 895 3.56 -26.56 -46.76
CA LEU F 895 4.63 -25.57 -46.76
C LEU F 895 5.98 -26.19 -46.41
N ALA F 896 5.96 -27.27 -45.63
CA ALA F 896 7.21 -27.90 -45.24
C ALA F 896 7.82 -28.71 -46.37
N ALA F 897 6.99 -29.28 -47.24
CA ALA F 897 7.48 -30.19 -48.28
C ALA F 897 7.94 -29.49 -49.54
N LEU F 898 7.80 -28.17 -49.62
CA LEU F 898 8.10 -27.46 -50.87
C LEU F 898 9.60 -27.29 -51.06
N SER F 899 10.01 -27.23 -52.32
CA SER F 899 11.38 -26.94 -52.69
C SER F 899 11.62 -25.43 -52.74
N GLN F 900 12.90 -25.04 -52.69
CA GLN F 900 13.24 -23.63 -52.61
C GLN F 900 12.86 -22.88 -53.89
N ASP F 901 12.80 -23.58 -55.02
CA ASP F 901 12.43 -22.92 -56.27
C ASP F 901 11.00 -22.41 -56.22
N GLU F 902 10.07 -23.24 -55.73
CA GLU F 902 8.69 -22.80 -55.63
C GLU F 902 8.53 -21.69 -54.60
N LEU F 903 9.33 -21.72 -53.54
CA LEU F 903 9.28 -20.65 -52.55
C LEU F 903 9.74 -19.33 -53.14
N THR F 904 10.86 -19.35 -53.88
CA THR F 904 11.29 -18.16 -54.60
C THR F 904 10.21 -17.70 -55.57
N SER F 905 9.52 -18.65 -56.21
CA SER F 905 8.46 -18.30 -57.15
C SER F 905 7.34 -17.54 -56.46
N ILE F 906 6.79 -18.11 -55.39
CA ILE F 906 5.63 -17.51 -54.75
C ILE F 906 6.01 -16.20 -54.07
N LEU F 907 7.08 -16.20 -53.28
CA LEU F 907 7.44 -15.02 -52.52
C LEU F 907 7.89 -13.87 -53.42
N GLY F 908 8.65 -14.19 -54.47
CA GLY F 908 9.22 -13.18 -55.33
C GLY F 908 10.49 -12.53 -54.81
N ASN F 909 10.96 -12.92 -53.64
CA ASN F 909 12.21 -12.42 -53.09
C ASN F 909 13.09 -13.62 -52.77
N ALA F 910 14.37 -13.52 -53.14
CA ALA F 910 15.30 -14.62 -52.90
C ALA F 910 15.72 -14.71 -51.44
N ALA F 911 15.95 -13.56 -50.80
CA ALA F 911 16.38 -13.57 -49.41
C ALA F 911 15.30 -14.13 -48.50
N ASN F 912 14.04 -13.73 -48.71
CA ASN F 912 12.96 -14.26 -47.90
C ASN F 912 12.83 -15.76 -48.08
N ALA F 913 12.90 -16.24 -49.31
CA ALA F 913 12.75 -17.66 -49.57
C ALA F 913 13.90 -18.46 -48.95
N LYS F 914 15.12 -17.95 -49.06
CA LYS F 914 16.25 -18.68 -48.48
C LYS F 914 16.20 -18.67 -46.96
N GLN F 915 15.76 -17.56 -46.36
CA GLN F 915 15.61 -17.54 -44.91
C GLN F 915 14.55 -18.53 -44.46
N LEU F 916 13.43 -18.59 -45.19
CA LEU F 916 12.40 -19.58 -44.90
C LEU F 916 12.97 -20.99 -44.97
N TYR F 917 13.67 -21.30 -46.06
CA TYR F 917 14.17 -22.66 -46.26
C TYR F 917 15.16 -23.04 -45.18
N ASP F 918 16.02 -22.10 -44.78
CA ASP F 918 16.90 -22.37 -43.66
C ASP F 918 16.13 -22.60 -42.37
N PHE F 919 15.09 -21.80 -42.09
CA PHE F 919 14.38 -21.94 -40.83
C PHE F 919 13.63 -23.26 -40.74
N ILE F 920 12.94 -23.65 -41.82
CA ILE F 920 12.09 -24.82 -41.77
C ILE F 920 12.92 -26.10 -41.64
N HIS F 921 13.96 -26.23 -42.45
CA HIS F 921 14.70 -27.48 -42.59
C HIS F 921 16.01 -27.49 -41.85
N THR F 922 16.23 -26.57 -40.92
CA THR F 922 17.42 -26.62 -40.09
C THR F 922 17.26 -27.69 -39.01
N SER F 923 18.31 -27.86 -38.20
CA SER F 923 18.31 -28.84 -37.13
C SER F 923 18.92 -28.22 -35.89
N PHE F 924 18.55 -28.78 -34.72
CA PHE F 924 19.04 -28.22 -33.46
C PHE F 924 20.54 -28.39 -33.31
N ALA F 925 21.05 -29.59 -33.61
CA ALA F 925 22.48 -29.84 -33.40
C ALA F 925 23.34 -29.03 -34.36
N GLU F 926 22.81 -28.67 -35.52
CA GLU F 926 23.54 -27.88 -36.49
C GLU F 926 23.69 -26.43 -36.02
#